data_3T0E
#
_entry.id   3T0E
#
_cell.length_a   146.151
_cell.length_b   146.151
_cell.length_c   231.436
_cell.angle_alpha   90.00
_cell.angle_beta   90.00
_cell.angle_gamma   90.00
#
_symmetry.space_group_name_H-M   'P 43 21 2'
#
loop_
_entity.id
_entity.type
_entity.pdbx_description
1 polymer 'HLA class II histocompatibility antigen, DR alpha chain'
2 polymer 'HLA class II histocompatibility antigen, DRB1-4 beta chain'
3 polymer 'T-cell receptor alpha chain'
4 polymer 'T-cell receptor beta chain'
5 polymer 'T-cell surface glycoprotein CD4'
#
loop_
_entity_poly.entity_id
_entity_poly.type
_entity_poly.pdbx_seq_one_letter_code
_entity_poly.pdbx_strand_id
1 'polypeptide(L)'
;IKEEHVIIQAEFYLNPDQSGEFMFDFDGDEIFHVDMAKKETVWRLEEFGRFASFEAQGALANIAVDKANLEIMTKRSNYT
PITNVPPEVTVLTNSPVELREPNVLICFIDKFTPPVVNVTWLRNGKPVTTGVSETVFLPREDHLFRKFHYLPFLPSTEDV
YDCRVEHWGLDEPLLKHWEFDA
;
A
2 'polypeptide(L)'
;FSWGAEGQRPGFGSGGGSLVPRGSGGGGSGDTRPRFLEQVKHECHFFNGTERVRFLDRYFYHQEEYVRFDSDVGEYRAVT
ELGRPDAEYWNSQKDLLEQKRAAVDTYCRHNYGVGESFTVQRRVYPEVTVYPAKTQPLQHHNLLVCSVNGFYPGSIEVRW
FRNGQEEKTGVVSTGLIQNGDWTFQTLVMLETVPRSGEVYTCQVEHPSLTSPLTVEWRARS
;
B
3 'polypeptide(L)'
;GDAKTTQPNSMESNEEEPVHLPCNHSTISGTDYIHWYRQLPSQGPEYVIHGLTSNVNNRMASLAIAEDRKSSTLILHRAT
LRDAAVYYCTVYGGATNKLIFGTGTLLAVQPNIQNPDPAVYQLRDSKSSDKSVCLFTDFDSQTNVSQSKDSDVYITDKTV
LDMRSMDFKSNSAVAWSNKSDFACANAFNNSIIPEDTFFPSPESSC
;
C
4 'polypeptide(L)'
;VVSQHPSWVIAKSGTSVKIECRSLDFQATTMFWYRQFPKQSLMLMATSNEGSKATYEQGVEKDKFLINHASLTLSTLTVT
SAHPEDSSFYICSARGGSYNSPLHFGNGTRLTVTEDLKNVFPPEVAVFEPSEAEISHTQKATLVCLATGFYPDHVELSWW
VNGKEVHSGVSTDPQPLKEQPALNDSRYSLSSRLRVSATFWQNPRNHFRCQVQFYGLSENDEWTQDRAKPVTQIVSAEAW
GRADC
;
D
5 'polypeptide(L)'
;KKVVLGKKGDTVELTCTASQKKSIQFHWKNSNQIKILGNYGSFLWKGPSKLNDRADSRRSLWDQGNFPLIIKNLKIEDSD
TYICEVEDQKEEVQLLVFGLTANSDTHLLQGQSLTLTLESPPGSSPSVQCRSPRGKNIQGGKTLSVSQLELQDSGTWTCT
VLQNQKKVEFKIDIVVLAFQKASSIVYKKEGEQVEFSFPLAFTVEKLTGSGELWWQAERASSSKSWITFDLKNKEVSVKR
VTQDPKLQMGKKLPLHLTLPQALPQYAGSGNLTLALEAKTGKLHQEVNLVVMRATQLQKNLTCEVWGPTSPKLMLSLKLE
NKEAKVSKREKAVWVLNPEAGMWQCLLSDSGQVLLESNIKVLPAADYKDDDDK
;
E
#
# COMPACT_ATOMS: atom_id res chain seq x y z
N GLU A 4 -7.63 -8.08 23.45
CA GLU A 4 -8.76 -8.77 24.04
C GLU A 4 -9.79 -9.19 22.99
N HIS A 5 -9.40 -9.09 21.73
CA HIS A 5 -10.17 -9.60 20.61
C HIS A 5 -9.41 -9.34 19.30
N VAL A 6 -9.73 -10.12 18.28
CA VAL A 6 -9.07 -9.96 16.99
C VAL A 6 -10.03 -10.27 15.85
N ILE A 7 -10.05 -9.42 14.83
CA ILE A 7 -10.73 -9.79 13.61
C ILE A 7 -9.72 -9.74 12.49
N ILE A 8 -9.35 -10.92 12.00
CA ILE A 8 -8.38 -11.01 10.93
C ILE A 8 -9.05 -11.49 9.66
N GLN A 9 -8.81 -10.78 8.57
CA GLN A 9 -9.16 -11.28 7.26
C GLN A 9 -7.85 -11.63 6.59
N ALA A 10 -7.56 -12.92 6.48
CA ALA A 10 -6.28 -13.38 5.94
C ALA A 10 -6.54 -13.99 4.59
N GLU A 11 -5.65 -13.72 3.65
CA GLU A 11 -5.77 -14.28 2.31
C GLU A 11 -4.39 -14.56 1.76
N PHE A 12 -4.30 -15.53 0.85
CA PHE A 12 -3.02 -15.89 0.25
C PHE A 12 -3.15 -16.47 -1.16
N TYR A 13 -2.14 -16.20 -2.00
CA TYR A 13 -2.06 -16.82 -3.31
C TYR A 13 -0.82 -17.70 -3.37
N LEU A 14 -0.97 -18.89 -3.95
CA LEU A 14 0.12 -19.86 -4.02
C LEU A 14 0.43 -20.28 -5.45
N ASN A 15 1.69 -20.16 -5.84
CA ASN A 15 2.18 -20.59 -7.16
C ASN A 15 3.17 -21.71 -6.96
N PRO A 16 3.31 -22.62 -7.94
CA PRO A 16 2.55 -22.80 -9.19
C PRO A 16 1.14 -23.38 -9.01
N ASP A 17 0.85 -23.93 -7.84
CA ASP A 17 -0.43 -24.60 -7.60
C ASP A 17 -1.61 -23.73 -8.05
N GLN A 18 -1.40 -22.41 -8.04
CA GLN A 18 -2.45 -21.45 -8.37
C GLN A 18 -3.73 -21.80 -7.64
N SER A 19 -3.64 -21.77 -6.31
CA SER A 19 -4.81 -21.89 -5.45
C SER A 19 -4.75 -20.74 -4.46
N GLY A 20 -5.90 -20.26 -4.01
CA GLY A 20 -5.92 -19.13 -3.11
C GLY A 20 -7.08 -19.21 -2.15
N GLU A 21 -6.95 -18.54 -1.01
CA GLU A 21 -7.89 -18.69 0.06
C GLU A 21 -8.32 -17.31 0.52
N PHE A 22 -9.52 -17.22 1.05
CA PHE A 22 -10.04 -15.96 1.60
C PHE A 22 -10.81 -16.30 2.85
N MET A 23 -10.45 -15.73 3.99
CA MET A 23 -11.14 -16.10 5.22
C MET A 23 -11.04 -15.09 6.34
N PHE A 24 -11.95 -15.19 7.30
CA PHE A 24 -11.93 -14.35 8.48
C PHE A 24 -11.69 -15.19 9.72
N ASP A 25 -10.53 -15.04 10.33
CA ASP A 25 -10.26 -15.73 11.58
C ASP A 25 -10.66 -14.80 12.70
N PHE A 26 -11.65 -15.22 13.48
CA PHE A 26 -12.02 -14.49 14.69
C PHE A 26 -11.61 -15.26 15.93
N ASP A 27 -10.60 -14.78 16.62
CA ASP A 27 -10.15 -15.43 17.83
C ASP A 27 -9.82 -16.89 17.56
N GLY A 28 -9.19 -17.14 16.41
CA GLY A 28 -8.62 -18.42 16.08
C GLY A 28 -9.57 -19.40 15.41
N ASP A 29 -10.87 -19.24 15.64
CA ASP A 29 -11.87 -20.10 15.01
C ASP A 29 -12.39 -19.37 13.78
N GLU A 30 -12.67 -20.09 12.71
CA GLU A 30 -13.07 -19.44 11.47
C GLU A 30 -14.50 -18.89 11.53
N ILE A 31 -14.72 -17.82 10.77
CA ILE A 31 -16.07 -17.28 10.58
C ILE A 31 -16.63 -17.78 9.26
N PHE A 32 -16.01 -17.35 8.16
CA PHE A 32 -16.40 -17.84 6.84
C PHE A 32 -15.24 -17.76 5.85
N HIS A 33 -15.28 -18.59 4.83
CA HIS A 33 -14.26 -18.54 3.79
C HIS A 33 -14.94 -18.64 2.43
N VAL A 34 -14.68 -17.67 1.56
CA VAL A 34 -15.27 -17.72 0.23
C VAL A 34 -14.63 -18.83 -0.57
N ASP A 35 -15.45 -19.77 -1.03
CA ASP A 35 -14.96 -20.89 -1.82
C ASP A 35 -14.54 -20.37 -3.17
N MET A 36 -13.69 -21.11 -3.86
CA MET A 36 -13.18 -20.61 -5.12
C MET A 36 -14.01 -21.08 -6.32
N ALA A 37 -13.93 -22.36 -6.66
CA ALA A 37 -14.73 -22.89 -7.75
C ALA A 37 -16.17 -22.43 -7.59
N LYS A 38 -16.80 -22.86 -6.50
CA LYS A 38 -18.17 -22.47 -6.19
C LYS A 38 -18.36 -20.97 -6.34
N LYS A 39 -17.38 -20.19 -5.91
CA LYS A 39 -17.48 -18.74 -5.99
C LYS A 39 -18.67 -18.22 -5.18
N GLU A 40 -18.76 -18.67 -3.93
CA GLU A 40 -19.86 -18.30 -3.05
C GLU A 40 -19.38 -18.18 -1.60
N THR A 41 -20.16 -17.50 -0.78
CA THR A 41 -19.87 -17.37 0.64
C THR A 41 -20.07 -18.69 1.33
N VAL A 42 -19.10 -19.11 2.13
CA VAL A 42 -19.27 -20.32 2.94
C VAL A 42 -18.83 -20.14 4.38
N TRP A 43 -19.78 -20.22 5.30
CA TRP A 43 -19.47 -20.05 6.71
C TRP A 43 -18.93 -21.34 7.29
N ARG A 44 -18.03 -21.23 8.26
CA ARG A 44 -17.46 -22.39 8.97
C ARG A 44 -18.46 -22.89 9.98
N LEU A 45 -19.45 -22.06 10.24
CA LEU A 45 -20.58 -22.41 11.08
C LEU A 45 -21.75 -21.73 10.40
N GLU A 46 -22.90 -22.40 10.35
CA GLU A 46 -24.04 -21.85 9.64
C GLU A 46 -24.88 -20.84 10.44
N GLU A 47 -24.80 -20.88 11.77
CA GLU A 47 -25.65 -20.02 12.59
C GLU A 47 -25.45 -18.55 12.26
N PHE A 48 -24.34 -18.25 11.60
CA PHE A 48 -24.04 -16.90 11.14
C PHE A 48 -24.75 -16.69 9.81
N GLY A 49 -25.55 -17.68 9.43
CA GLY A 49 -26.13 -17.71 8.09
C GLY A 49 -26.86 -16.45 7.73
N ARG A 50 -27.88 -16.06 8.50
CA ARG A 50 -28.51 -14.81 8.17
C ARG A 50 -28.20 -13.83 9.27
N PHE A 51 -27.09 -13.14 9.10
CA PHE A 51 -26.74 -11.92 9.82
C PHE A 51 -25.93 -11.02 8.90
N ALA A 52 -24.77 -11.56 8.52
CA ALA A 52 -23.74 -10.85 7.76
C ALA A 52 -23.97 -10.82 6.25
N SER A 53 -23.97 -11.99 5.60
CA SER A 53 -24.13 -12.03 4.15
C SER A 53 -23.04 -11.27 3.40
N PHE A 54 -21.86 -11.89 3.32
CA PHE A 54 -20.71 -11.36 2.59
C PHE A 54 -20.80 -11.44 1.06
N GLU A 55 -20.11 -10.52 0.39
CA GLU A 55 -20.02 -10.49 -1.07
C GLU A 55 -19.27 -11.71 -1.57
N ALA A 56 -19.46 -12.05 -2.83
CA ALA A 56 -18.86 -13.25 -3.39
C ALA A 56 -17.66 -12.97 -4.28
N GLN A 57 -17.91 -12.54 -5.50
CA GLN A 57 -16.82 -12.30 -6.45
C GLN A 57 -15.88 -11.33 -5.77
N GLY A 58 -16.39 -10.67 -4.76
CA GLY A 58 -15.64 -9.70 -4.00
C GLY A 58 -14.33 -10.29 -3.53
N ALA A 59 -14.40 -11.48 -2.97
CA ALA A 59 -13.19 -12.17 -2.59
C ALA A 59 -12.22 -12.12 -3.76
N LEU A 60 -12.65 -12.74 -4.86
CA LEU A 60 -11.78 -12.98 -6.01
C LEU A 60 -10.97 -11.75 -6.41
N ALA A 61 -11.59 -10.58 -6.33
CA ALA A 61 -10.89 -9.33 -6.62
C ALA A 61 -9.59 -9.23 -5.81
N ASN A 62 -9.70 -9.37 -4.49
CA ASN A 62 -8.52 -9.46 -3.64
C ASN A 62 -7.56 -10.51 -4.19
N ILE A 63 -8.04 -11.75 -4.24
CA ILE A 63 -7.19 -12.87 -4.61
C ILE A 63 -6.33 -12.51 -5.82
N ALA A 64 -6.97 -12.25 -6.95
CA ALA A 64 -6.26 -11.90 -8.17
C ALA A 64 -5.21 -10.83 -7.89
N VAL A 65 -5.55 -9.87 -7.04
CA VAL A 65 -4.56 -8.92 -6.56
C VAL A 65 -3.40 -9.66 -5.95
N ASP A 66 -3.64 -10.38 -4.86
CA ASP A 66 -2.57 -11.06 -4.13
C ASP A 66 -1.69 -11.88 -5.07
N LYS A 67 -2.28 -12.41 -6.13
CA LYS A 67 -1.50 -13.04 -7.20
C LYS A 67 -0.49 -12.02 -7.74
N ALA A 68 -1.01 -10.97 -8.36
CA ALA A 68 -0.17 -9.92 -8.95
C ALA A 68 0.86 -9.36 -7.98
N ASN A 69 0.52 -9.29 -6.69
CA ASN A 69 1.50 -8.90 -5.68
C ASN A 69 2.60 -9.94 -5.60
N LEU A 70 2.21 -11.20 -5.61
CA LEU A 70 3.16 -12.31 -5.56
C LEU A 70 4.09 -12.33 -6.77
N GLU A 71 3.53 -12.10 -7.94
CA GLU A 71 4.34 -12.04 -9.15
C GLU A 71 5.49 -11.07 -8.91
N ILE A 72 5.16 -9.85 -8.56
CA ILE A 72 6.16 -8.83 -8.24
C ILE A 72 7.10 -9.26 -7.11
N MET A 73 6.53 -9.48 -5.94
CA MET A 73 7.34 -9.73 -4.74
C MET A 73 8.32 -10.88 -4.95
N THR A 74 8.07 -11.70 -5.96
CA THR A 74 9.00 -12.78 -6.30
C THR A 74 10.27 -12.24 -6.96
N LYS A 75 10.11 -11.27 -7.86
CA LYS A 75 11.23 -10.71 -8.60
C LYS A 75 12.00 -9.71 -7.75
N ARG A 76 11.47 -9.44 -6.56
CA ARG A 76 12.16 -8.61 -5.59
C ARG A 76 13.20 -9.44 -4.83
N SER A 77 12.95 -10.73 -4.70
CA SER A 77 13.85 -11.64 -3.98
C SER A 77 14.82 -12.38 -4.91
N ASN A 78 14.76 -12.09 -6.20
CA ASN A 78 15.52 -12.85 -7.20
C ASN A 78 15.07 -14.31 -7.23
N TYR A 79 13.76 -14.49 -7.17
CA TYR A 79 13.14 -15.82 -7.30
C TYR A 79 13.56 -16.78 -6.20
N THR A 80 13.46 -16.32 -4.96
CA THR A 80 13.76 -17.15 -3.79
C THR A 80 12.55 -17.96 -3.34
N PRO A 81 12.65 -19.29 -3.44
CA PRO A 81 11.54 -20.21 -3.18
C PRO A 81 11.14 -20.28 -1.72
N ILE A 82 10.13 -21.09 -1.42
CA ILE A 82 9.60 -21.23 -0.08
C ILE A 82 10.43 -22.21 0.73
N THR A 83 10.73 -21.85 1.98
CA THR A 83 11.41 -22.77 2.87
C THR A 83 10.37 -23.72 3.44
N ASN A 84 10.53 -25.00 3.14
CA ASN A 84 9.56 -26.01 3.50
C ASN A 84 9.33 -26.10 4.99
N VAL A 85 8.13 -26.49 5.39
CA VAL A 85 7.85 -26.76 6.79
C VAL A 85 7.03 -28.03 6.96
N PRO A 86 7.40 -28.85 7.94
CA PRO A 86 6.69 -30.08 8.32
C PRO A 86 5.50 -29.76 9.22
N PRO A 87 4.44 -30.57 9.18
CA PRO A 87 3.39 -30.36 10.16
C PRO A 87 3.68 -31.04 11.50
N GLU A 88 2.81 -30.80 12.47
CA GLU A 88 2.94 -31.40 13.79
C GLU A 88 1.57 -31.97 14.09
N VAL A 89 1.47 -33.29 14.13
CA VAL A 89 0.15 -33.90 14.16
C VAL A 89 -0.18 -34.64 15.44
N THR A 90 -1.40 -34.42 15.91
CA THR A 90 -1.94 -35.14 17.05
C THR A 90 -3.42 -35.40 16.81
N VAL A 91 -3.87 -36.58 17.18
CA VAL A 91 -5.26 -36.94 16.98
C VAL A 91 -5.98 -37.16 18.30
N LEU A 92 -7.14 -36.55 18.43
CA LEU A 92 -7.86 -36.62 19.70
C LEU A 92 -9.37 -36.62 19.53
N THR A 93 -10.04 -37.05 20.60
CA THR A 93 -11.48 -37.19 20.62
C THR A 93 -12.15 -35.93 21.13
N ASN A 94 -13.29 -35.59 20.52
CA ASN A 94 -14.03 -34.39 20.90
C ASN A 94 -14.34 -34.36 22.38
N SER A 95 -15.28 -35.21 22.80
CA SER A 95 -15.59 -35.37 24.21
C SER A 95 -14.74 -36.51 24.77
N PRO A 96 -14.97 -36.91 26.03
CA PRO A 96 -14.33 -38.16 26.46
C PRO A 96 -14.97 -39.32 25.73
N VAL A 97 -14.19 -40.31 25.32
CA VAL A 97 -14.74 -41.44 24.57
C VAL A 97 -15.40 -42.45 25.50
N GLU A 98 -16.69 -42.67 25.30
CA GLU A 98 -17.40 -43.67 26.07
C GLU A 98 -17.64 -44.89 25.19
N LEU A 99 -18.27 -45.91 25.75
CA LEU A 99 -18.54 -47.14 25.01
C LEU A 99 -19.92 -47.13 24.35
N ARG A 100 -19.95 -47.46 23.06
CA ARG A 100 -21.19 -47.42 22.29
C ARG A 100 -21.88 -46.08 22.45
N GLU A 101 -21.11 -45.00 22.37
CA GLU A 101 -21.65 -43.65 22.38
C GLU A 101 -21.11 -42.88 21.17
N PRO A 102 -21.96 -42.05 20.56
CA PRO A 102 -21.55 -41.31 19.36
C PRO A 102 -20.39 -40.38 19.69
N ASN A 103 -19.54 -40.11 18.70
CA ASN A 103 -18.40 -39.23 18.92
C ASN A 103 -17.69 -38.84 17.64
N VAL A 104 -16.64 -38.04 17.77
CA VAL A 104 -15.89 -37.56 16.61
C VAL A 104 -14.39 -37.52 16.82
N LEU A 105 -13.64 -38.13 15.90
CA LEU A 105 -12.19 -37.96 15.88
C LEU A 105 -11.87 -36.60 15.29
N ILE A 106 -10.84 -35.94 15.82
CA ILE A 106 -10.39 -34.69 15.24
C ILE A 106 -8.90 -34.76 14.95
N CYS A 107 -8.53 -34.60 13.69
CA CYS A 107 -7.14 -34.68 13.30
C CYS A 107 -6.49 -33.31 13.29
N PHE A 108 -5.44 -33.15 14.10
CA PHE A 108 -4.81 -31.85 14.29
C PHE A 108 -3.54 -31.79 13.48
N ILE A 109 -3.58 -31.02 12.40
CA ILE A 109 -2.39 -30.73 11.60
C ILE A 109 -2.05 -29.27 11.87
N ASP A 110 -0.80 -29.00 12.21
CA ASP A 110 -0.45 -27.66 12.68
C ASP A 110 0.98 -27.24 12.36
N LYS A 111 1.21 -25.93 12.46
CA LYS A 111 2.53 -25.35 12.28
C LYS A 111 3.19 -25.79 10.98
N PHE A 112 2.45 -25.77 9.89
CA PHE A 112 3.01 -26.17 8.60
C PHE A 112 2.83 -25.10 7.52
N THR A 113 3.43 -25.36 6.36
CA THR A 113 3.37 -24.49 5.20
C THR A 113 4.31 -25.03 4.14
N PRO A 114 4.00 -24.80 2.86
CA PRO A 114 2.82 -24.11 2.32
C PRO A 114 1.55 -24.89 2.61
N PRO A 115 0.39 -24.25 2.44
CA PRO A 115 -0.93 -24.82 2.78
C PRO A 115 -1.45 -25.85 1.78
N VAL A 116 -0.78 -26.99 1.68
CA VAL A 116 -1.30 -28.09 0.86
C VAL A 116 -1.08 -29.44 1.56
N VAL A 117 -2.16 -30.18 1.79
CA VAL A 117 -2.05 -31.44 2.51
C VAL A 117 -3.00 -32.50 2.01
N ASN A 118 -2.58 -33.75 2.17
CA ASN A 118 -3.41 -34.90 1.82
C ASN A 118 -3.66 -35.73 3.05
N VAL A 119 -4.92 -35.75 3.48
CA VAL A 119 -5.31 -36.41 4.71
C VAL A 119 -6.13 -37.66 4.42
N THR A 120 -5.92 -38.71 5.20
CA THR A 120 -6.65 -39.94 4.99
C THR A 120 -7.26 -40.44 6.30
N TRP A 121 -8.54 -40.78 6.26
CA TRP A 121 -9.18 -41.43 7.39
C TRP A 121 -9.31 -42.93 7.09
N LEU A 122 -8.53 -43.76 7.78
CA LEU A 122 -8.55 -45.21 7.55
C LEU A 122 -8.49 -46.04 8.84
N ARG A 123 -9.21 -47.17 8.84
CA ARG A 123 -9.22 -48.08 9.99
C ARG A 123 -8.50 -49.39 9.67
N ASN A 124 -7.56 -49.77 10.53
CA ASN A 124 -6.83 -51.02 10.33
C ASN A 124 -6.01 -50.90 9.06
N GLY A 125 -6.19 -49.78 8.37
CA GLY A 125 -5.69 -49.61 7.01
C GLY A 125 -6.80 -49.63 5.97
N LYS A 126 -8.05 -49.62 6.42
CA LYS A 126 -9.19 -49.50 5.50
C LYS A 126 -9.50 -48.02 5.24
N PRO A 127 -9.20 -47.55 4.03
CA PRO A 127 -9.46 -46.14 3.69
C PRO A 127 -10.94 -45.89 3.48
N VAL A 128 -11.69 -45.70 4.56
CA VAL A 128 -13.13 -45.42 4.47
C VAL A 128 -13.47 -44.04 5.03
N THR A 129 -14.29 -43.31 4.28
CA THR A 129 -14.75 -42.00 4.70
C THR A 129 -16.26 -41.93 4.63
N THR A 130 -16.90 -41.84 5.79
CA THR A 130 -18.34 -41.66 5.85
C THR A 130 -18.60 -40.28 6.42
N GLY A 131 -19.07 -39.37 5.57
CA GLY A 131 -19.39 -38.02 5.99
C GLY A 131 -18.31 -37.35 6.81
N VAL A 132 -17.07 -37.42 6.35
CA VAL A 132 -15.99 -36.76 7.05
C VAL A 132 -16.09 -35.25 6.84
N SER A 133 -15.20 -34.51 7.48
CA SER A 133 -15.25 -33.05 7.41
C SER A 133 -13.85 -32.46 7.38
N GLU A 134 -13.65 -31.43 6.57
CA GLU A 134 -12.38 -30.73 6.54
C GLU A 134 -12.55 -29.22 6.45
N THR A 135 -11.98 -28.53 7.42
CA THR A 135 -11.92 -27.08 7.43
C THR A 135 -10.72 -26.59 6.64
N VAL A 136 -10.84 -25.42 6.03
CA VAL A 136 -9.77 -24.84 5.24
C VAL A 136 -8.63 -24.39 6.17
N PHE A 137 -7.60 -23.77 5.60
CA PHE A 137 -6.39 -23.44 6.36
C PHE A 137 -6.57 -22.22 7.25
N LEU A 138 -6.31 -22.40 8.54
CA LEU A 138 -6.38 -21.30 9.49
C LEU A 138 -4.99 -20.73 9.72
N PRO A 139 -4.85 -19.40 9.63
CA PRO A 139 -3.56 -18.74 9.83
C PRO A 139 -3.16 -18.67 11.31
N ARG A 140 -1.88 -18.92 11.58
CA ARG A 140 -1.35 -18.87 12.94
C ARG A 140 -0.66 -17.54 13.19
N GLU A 141 0.03 -17.45 14.32
CA GLU A 141 0.76 -16.25 14.69
C GLU A 141 2.01 -16.12 13.83
N ASP A 142 2.64 -17.26 13.59
CA ASP A 142 3.88 -17.32 12.83
C ASP A 142 3.57 -17.34 11.35
N HIS A 143 2.29 -17.23 11.02
CA HIS A 143 1.84 -17.22 9.64
C HIS A 143 2.13 -18.57 9.01
N LEU A 144 2.25 -19.58 9.87
CA LEU A 144 2.19 -20.96 9.43
C LEU A 144 0.71 -21.28 9.34
N PHE A 145 0.37 -22.55 9.17
CA PHE A 145 -1.04 -22.89 8.97
C PHE A 145 -1.58 -24.00 9.87
N ARG A 146 -2.89 -23.99 10.07
CA ARG A 146 -3.62 -24.90 10.94
C ARG A 146 -4.66 -25.57 10.06
N LYS A 147 -5.26 -26.65 10.55
CA LYS A 147 -6.33 -27.29 9.80
C LYS A 147 -6.98 -28.42 10.59
N PHE A 148 -8.19 -28.79 10.19
CA PHE A 148 -8.98 -29.79 10.91
C PHE A 148 -9.73 -30.75 9.99
N HIS A 149 -9.48 -32.04 10.17
CA HIS A 149 -10.32 -33.06 9.56
C HIS A 149 -11.12 -33.72 10.66
N TYR A 150 -12.44 -33.83 10.49
CA TYR A 150 -13.22 -34.54 11.50
C TYR A 150 -13.58 -35.93 11.01
N LEU A 151 -14.10 -36.75 11.92
CA LEU A 151 -14.44 -38.14 11.59
C LEU A 151 -15.56 -38.77 12.44
N PRO A 152 -16.83 -38.50 12.13
CA PRO A 152 -17.85 -39.17 12.93
C PRO A 152 -17.60 -40.68 13.02
N PHE A 153 -17.95 -41.31 14.14
CA PHE A 153 -17.54 -42.69 14.43
C PHE A 153 -18.15 -43.27 15.71
N LEU A 154 -18.02 -44.58 15.89
CA LEU A 154 -18.48 -45.27 17.09
C LEU A 154 -17.35 -46.07 17.72
N PRO A 155 -17.28 -46.06 19.06
CA PRO A 155 -16.21 -46.62 19.88
C PRO A 155 -16.22 -48.14 20.01
N SER A 156 -15.67 -48.84 19.02
CA SER A 156 -15.53 -50.28 19.09
C SER A 156 -14.18 -50.64 19.70
N THR A 157 -14.19 -51.55 20.67
CA THR A 157 -12.95 -52.02 21.27
C THR A 157 -12.17 -52.82 20.26
N GLU A 158 -12.82 -53.11 19.14
CA GLU A 158 -12.22 -53.86 18.04
C GLU A 158 -11.34 -52.96 17.18
N ASP A 159 -11.96 -51.96 16.56
CA ASP A 159 -11.30 -51.16 15.54
C ASP A 159 -10.11 -50.34 16.03
N VAL A 160 -9.22 -50.02 15.11
CA VAL A 160 -8.18 -49.02 15.32
C VAL A 160 -8.16 -47.99 14.18
N TYR A 161 -8.55 -46.75 14.48
CA TYR A 161 -8.66 -45.66 13.50
C TYR A 161 -7.32 -44.93 13.34
N ASP A 162 -6.98 -44.55 12.12
CA ASP A 162 -5.69 -43.89 11.87
C ASP A 162 -5.75 -42.67 10.95
N CYS A 163 -4.83 -41.73 11.19
CA CYS A 163 -4.80 -40.47 10.45
C CYS A 163 -3.50 -40.36 9.66
N ARG A 164 -3.62 -40.01 8.40
CA ARG A 164 -2.48 -40.00 7.49
C ARG A 164 -2.34 -38.67 6.76
N VAL A 165 -1.22 -37.98 6.96
CA VAL A 165 -1.00 -36.66 6.39
C VAL A 165 0.23 -36.62 5.49
N GLU A 166 0.02 -36.28 4.22
CA GLU A 166 1.13 -36.17 3.28
C GLU A 166 1.50 -34.72 3.02
N HIS A 167 2.79 -34.42 3.18
CA HIS A 167 3.30 -33.08 2.96
C HIS A 167 4.73 -33.17 2.48
N TRP A 168 5.21 -32.11 1.84
CA TRP A 168 6.51 -32.14 1.21
C TRP A 168 7.59 -31.84 2.25
N GLY A 169 7.13 -31.47 3.43
CA GLY A 169 8.04 -31.18 4.54
C GLY A 169 8.60 -32.45 5.13
N LEU A 170 7.75 -33.45 5.30
CA LEU A 170 8.22 -34.77 5.72
C LEU A 170 8.63 -35.57 4.48
N ASP A 171 9.82 -36.13 4.52
CA ASP A 171 10.39 -36.85 3.36
C ASP A 171 9.57 -38.09 3.01
N GLU A 172 8.55 -38.37 3.80
CA GLU A 172 7.69 -39.52 3.57
C GLU A 172 6.50 -39.50 4.53
N PRO A 173 5.34 -39.95 4.04
CA PRO A 173 4.03 -39.78 4.67
C PRO A 173 3.98 -40.12 6.15
N LEU A 174 3.18 -39.34 6.88
CA LEU A 174 3.04 -39.46 8.32
C LEU A 174 1.77 -40.19 8.71
N LEU A 175 1.88 -41.06 9.70
CA LEU A 175 0.74 -41.80 10.20
C LEU A 175 0.69 -41.65 11.71
N LYS A 176 -0.33 -40.95 12.19
CA LYS A 176 -0.57 -40.80 13.63
C LYS A 176 -1.83 -41.57 13.98
N HIS A 177 -1.70 -42.55 14.86
CA HIS A 177 -2.79 -43.47 15.12
C HIS A 177 -3.53 -43.08 16.39
N TRP A 178 -4.65 -43.76 16.64
CA TRP A 178 -5.38 -43.64 17.89
C TRP A 178 -6.15 -44.93 18.05
N GLU A 179 -6.35 -45.38 19.29
CA GLU A 179 -7.21 -46.52 19.53
C GLU A 179 -7.98 -46.36 20.83
N PHE A 180 -9.27 -46.65 20.80
CA PHE A 180 -10.08 -46.53 21.99
C PHE A 180 -9.42 -47.33 23.09
N ASP A 181 -9.17 -46.68 24.22
CA ASP A 181 -8.50 -47.33 25.33
C ASP A 181 -9.38 -47.37 26.56
N PHE B 1 -27.13 -6.19 8.95
CA PHE B 1 -26.77 -7.00 7.79
C PHE B 1 -25.46 -6.49 7.16
N SER B 2 -25.10 -7.05 6.01
CA SER B 2 -23.99 -6.52 5.19
C SER B 2 -22.59 -6.46 5.84
N TRP B 3 -21.95 -7.62 5.95
CA TRP B 3 -20.54 -7.69 6.39
C TRP B 3 -19.58 -7.14 5.31
N GLY B 4 -18.70 -6.23 5.71
CA GLY B 4 -17.76 -5.61 4.77
C GLY B 4 -16.32 -6.08 4.87
N ALA B 5 -15.49 -5.71 3.89
CA ALA B 5 -14.11 -6.19 3.80
C ALA B 5 -13.11 -5.13 3.35
N GLU B 6 -11.83 -5.51 3.28
CA GLU B 6 -10.75 -4.60 2.88
C GLU B 6 -10.14 -5.01 1.54
N GLY B 7 -9.08 -4.31 1.13
CA GLY B 7 -8.48 -4.57 -0.17
C GLY B 7 -7.06 -4.06 -0.33
N GLN B 8 -6.33 -4.64 -1.29
CA GLN B 8 -4.93 -4.31 -1.50
C GLN B 8 -4.68 -3.77 -2.91
N ARG B 9 -3.43 -3.43 -3.19
CA ARG B 9 -3.06 -2.92 -4.51
C ARG B 9 -1.69 -3.42 -4.95
N PRO B 10 -1.28 -3.09 -6.19
CA PRO B 10 -0.05 -3.65 -6.75
C PRO B 10 1.22 -3.19 -6.06
N GLY B 11 2.34 -3.73 -6.51
CA GLY B 11 3.65 -3.30 -6.09
C GLY B 11 4.25 -2.44 -7.19
N PHE B 12 5.56 -2.53 -7.38
CA PHE B 12 6.20 -1.81 -8.47
C PHE B 12 5.97 -2.46 -9.84
N GLY B 13 6.54 -3.64 -10.06
CA GLY B 13 6.58 -4.24 -11.38
C GLY B 13 5.42 -5.13 -11.79
N SER B 14 5.68 -6.06 -12.69
CA SER B 14 4.66 -7.00 -13.16
C SER B 14 5.18 -8.43 -12.98
N GLY B 15 4.41 -9.40 -13.47
CA GLY B 15 4.78 -10.80 -13.27
C GLY B 15 4.37 -11.77 -14.36
N GLY B 16 4.99 -12.95 -14.34
CA GLY B 16 4.73 -13.98 -15.31
C GLY B 16 5.90 -14.95 -15.44
N ASP B 31 5.62 -34.36 -7.53
CA ASP B 31 5.62 -32.92 -7.78
C ASP B 31 6.58 -32.19 -6.86
N THR B 32 7.81 -31.99 -7.33
CA THR B 32 8.85 -31.35 -6.55
C THR B 32 9.06 -29.85 -6.81
N ARG B 33 8.24 -29.26 -7.69
CA ARG B 33 8.45 -27.88 -8.10
C ARG B 33 8.66 -26.96 -6.90
N PRO B 34 9.62 -26.02 -7.01
CA PRO B 34 9.81 -25.01 -5.94
C PRO B 34 8.62 -24.07 -5.81
N ARG B 35 8.07 -23.97 -4.60
CA ARG B 35 6.89 -23.15 -4.32
C ARG B 35 7.16 -21.67 -3.99
N PHE B 36 6.17 -20.83 -4.25
CA PHE B 36 6.18 -19.43 -3.82
C PHE B 36 4.86 -19.12 -3.15
N LEU B 37 4.88 -18.23 -2.16
CA LEU B 37 3.69 -17.93 -1.37
C LEU B 37 3.55 -16.46 -1.04
N GLU B 38 2.37 -15.92 -1.29
CA GLU B 38 2.06 -14.54 -0.90
C GLU B 38 0.97 -14.59 0.16
N GLN B 39 1.07 -13.71 1.16
CA GLN B 39 0.13 -13.71 2.26
C GLN B 39 -0.24 -12.29 2.67
N VAL B 40 -1.54 -12.04 2.79
CA VAL B 40 -2.04 -10.73 3.17
C VAL B 40 -2.97 -10.85 4.36
N LYS B 41 -2.58 -10.30 5.50
CA LYS B 41 -3.44 -10.31 6.67
C LYS B 41 -3.90 -8.92 7.07
N HIS B 42 -5.18 -8.63 6.85
CA HIS B 42 -5.75 -7.42 7.39
C HIS B 42 -6.13 -7.82 8.80
N GLU B 43 -5.47 -7.21 9.76
CA GLU B 43 -5.72 -7.53 11.16
C GLU B 43 -6.74 -6.59 11.74
N CYS B 44 -6.83 -6.62 13.07
CA CYS B 44 -7.59 -5.66 13.83
C CYS B 44 -7.34 -6.02 15.28
N HIS B 45 -7.50 -5.05 16.16
CA HIS B 45 -7.37 -5.30 17.58
C HIS B 45 -8.34 -4.40 18.33
N PHE B 46 -9.11 -4.99 19.23
CA PHE B 46 -10.12 -4.25 19.96
C PHE B 46 -9.85 -4.30 21.45
N PHE B 47 -9.49 -3.17 22.05
CA PHE B 47 -9.28 -3.14 23.49
C PHE B 47 -10.62 -2.79 24.10
N ASN B 48 -11.22 -3.77 24.77
CA ASN B 48 -12.56 -3.63 25.35
C ASN B 48 -13.57 -2.88 24.47
N GLY B 49 -13.98 -3.52 23.38
CA GLY B 49 -15.07 -3.00 22.57
C GLY B 49 -14.66 -1.92 21.58
N THR B 50 -15.53 -0.94 21.41
CA THR B 50 -15.35 0.08 20.40
C THR B 50 -14.45 1.22 20.89
N GLU B 51 -13.90 1.07 22.10
CA GLU B 51 -12.91 2.00 22.63
C GLU B 51 -11.62 1.75 21.88
N ARG B 52 -10.49 2.26 22.37
CA ARG B 52 -9.30 2.41 21.54
C ARG B 52 -9.06 1.14 20.71
N VAL B 53 -8.87 1.36 19.41
CA VAL B 53 -8.80 0.28 18.43
C VAL B 53 -7.57 0.41 17.55
N ARG B 54 -6.87 -0.69 17.36
CA ARG B 54 -5.65 -0.69 16.57
C ARG B 54 -5.85 -1.58 15.35
N PHE B 55 -5.80 -0.98 14.17
CA PHE B 55 -5.95 -1.71 12.91
C PHE B 55 -4.58 -2.03 12.37
N LEU B 56 -4.44 -3.20 11.77
CA LEU B 56 -3.19 -3.56 11.12
C LEU B 56 -3.44 -4.08 9.72
N ASP B 57 -2.68 -3.58 8.75
CA ASP B 57 -2.70 -4.12 7.40
C ASP B 57 -1.31 -4.69 7.17
N ARG B 58 -1.18 -6.01 7.16
CA ARG B 58 0.12 -6.60 6.98
C ARG B 58 0.25 -7.16 5.57
N TYR B 59 1.44 -7.64 5.24
CA TYR B 59 1.69 -8.30 3.96
C TYR B 59 2.84 -9.25 4.18
N PHE B 60 2.88 -10.37 3.47
CA PHE B 60 3.99 -11.28 3.70
C PHE B 60 4.57 -11.89 2.43
N TYR B 61 5.66 -12.63 2.61
CA TYR B 61 6.24 -13.46 1.59
C TYR B 61 6.64 -14.73 2.32
N HIS B 62 6.04 -15.86 1.96
CA HIS B 62 6.25 -17.06 2.77
C HIS B 62 5.86 -16.73 4.20
N GLN B 63 6.86 -16.78 5.08
CA GLN B 63 6.74 -16.39 6.48
C GLN B 63 6.92 -14.87 6.64
N GLU B 64 8.09 -14.40 6.21
CA GLU B 64 8.57 -13.03 6.43
C GLU B 64 7.60 -11.90 6.07
N GLU B 65 7.39 -11.00 7.04
CA GLU B 65 6.55 -9.82 6.88
C GLU B 65 7.42 -8.74 6.28
N TYR B 66 6.93 -8.08 5.22
CA TYR B 66 7.75 -7.04 4.58
C TYR B 66 7.26 -5.61 4.76
N VAL B 67 6.05 -5.33 4.29
CA VAL B 67 5.49 -4.01 4.49
C VAL B 67 4.25 -4.10 5.39
N ARG B 68 3.95 -3.02 6.09
CA ARG B 68 2.93 -3.04 7.12
C ARG B 68 2.22 -1.70 7.18
N PHE B 69 1.05 -1.67 7.81
CA PHE B 69 0.40 -0.41 8.12
C PHE B 69 -0.18 -0.43 9.54
N ASP B 70 0.30 0.46 10.40
CA ASP B 70 -0.16 0.49 11.77
C ASP B 70 -1.15 1.62 11.93
N SER B 71 -2.37 1.31 12.38
CA SER B 71 -3.37 2.34 12.58
C SER B 71 -2.82 3.44 13.47
N ASP B 72 -1.83 3.09 14.28
CA ASP B 72 -1.24 4.05 15.18
C ASP B 72 -0.07 4.81 14.56
N VAL B 73 0.44 4.33 13.43
CA VAL B 73 1.46 5.10 12.72
C VAL B 73 0.93 5.91 11.53
N GLY B 74 -0.36 5.75 11.22
CA GLY B 74 -1.02 6.58 10.23
C GLY B 74 -0.50 6.52 8.79
N GLU B 75 0.48 5.65 8.54
CA GLU B 75 1.05 5.49 7.20
C GLU B 75 1.75 4.15 7.08
N TYR B 76 2.04 3.72 5.86
CA TYR B 76 2.74 2.46 5.66
C TYR B 76 4.21 2.55 6.05
N ARG B 77 4.64 1.67 6.95
CA ARG B 77 6.06 1.54 7.27
C ARG B 77 6.69 0.37 6.52
N ALA B 78 7.95 0.06 6.82
CA ALA B 78 8.62 -1.08 6.20
C ALA B 78 9.11 -2.04 7.27
N VAL B 79 8.88 -3.34 7.09
CA VAL B 79 9.37 -4.36 8.03
C VAL B 79 10.68 -5.01 7.56
N THR B 80 11.20 -4.54 6.43
CA THR B 80 12.48 -5.01 5.92
C THR B 80 12.83 -4.16 4.72
N GLU B 81 14.10 -4.15 4.34
CA GLU B 81 14.51 -3.42 3.15
C GLU B 81 13.89 -4.15 1.95
N LEU B 82 13.37 -5.35 2.21
CA LEU B 82 12.76 -6.18 1.19
C LEU B 82 11.39 -5.64 0.79
N GLY B 83 10.77 -4.89 1.70
CA GLY B 83 9.50 -4.24 1.43
C GLY B 83 9.60 -2.74 1.30
N ARG B 84 10.82 -2.23 1.28
CA ARG B 84 11.07 -0.79 1.23
C ARG B 84 10.27 -0.08 0.14
N PRO B 85 10.35 -0.57 -1.11
CA PRO B 85 9.71 0.17 -2.21
C PRO B 85 8.20 0.31 -2.05
N ASP B 86 7.51 -0.79 -1.77
CA ASP B 86 6.06 -0.77 -1.71
C ASP B 86 5.62 0.29 -0.70
N ALA B 87 6.37 0.40 0.38
CA ALA B 87 6.10 1.42 1.38
C ALA B 87 6.01 2.79 0.73
N GLU B 88 7.12 3.26 0.19
CA GLU B 88 7.16 4.57 -0.46
C GLU B 88 6.09 4.69 -1.53
N TYR B 89 5.83 3.59 -2.23
CA TYR B 89 4.91 3.60 -3.37
C TYR B 89 3.47 3.92 -2.96
N TRP B 90 2.98 3.23 -1.92
CA TRP B 90 1.61 3.40 -1.47
C TRP B 90 1.40 4.73 -0.74
N ASN B 91 2.36 5.11 0.09
CA ASN B 91 2.27 6.38 0.80
C ASN B 91 2.38 7.57 -0.15
N SER B 92 2.70 7.28 -1.41
CA SER B 92 2.73 8.30 -2.46
C SER B 92 1.35 8.50 -3.07
N GLN B 93 0.46 7.56 -2.81
CA GLN B 93 -0.92 7.65 -3.31
C GLN B 93 -1.78 8.32 -2.25
N LYS B 94 -2.20 9.55 -2.55
CA LYS B 94 -2.97 10.33 -1.59
C LYS B 94 -4.19 9.55 -1.08
N ASP B 95 -5.12 9.26 -1.98
CA ASP B 95 -6.39 8.64 -1.61
C ASP B 95 -6.23 7.46 -0.68
N LEU B 96 -5.56 6.41 -1.16
CA LEU B 96 -5.50 5.14 -0.44
C LEU B 96 -5.18 5.35 1.03
N LEU B 97 -4.23 6.22 1.31
CA LEU B 97 -3.82 6.48 2.67
C LEU B 97 -4.97 7.07 3.47
N GLU B 98 -5.90 7.75 2.80
CA GLU B 98 -7.02 8.36 3.50
C GLU B 98 -8.10 7.33 3.81
N GLN B 99 -7.99 6.18 3.16
CA GLN B 99 -8.90 5.06 3.40
C GLN B 99 -8.38 4.23 4.55
N LYS B 100 -7.19 3.69 4.39
CA LYS B 100 -6.53 2.93 5.45
C LYS B 100 -6.44 3.72 6.75
N ARG B 101 -6.35 5.05 6.66
CA ARG B 101 -6.31 5.89 7.85
C ARG B 101 -7.63 5.81 8.60
N ALA B 102 -8.70 5.63 7.83
CA ALA B 102 -10.04 5.54 8.39
C ALA B 102 -10.38 4.10 8.75
N ALA B 103 -9.40 3.21 8.59
CA ALA B 103 -9.67 1.78 8.74
C ALA B 103 -10.53 1.54 9.95
N VAL B 104 -10.00 1.82 11.13
CA VAL B 104 -10.66 1.41 12.35
C VAL B 104 -12.15 1.72 12.32
N ASP B 105 -12.53 2.85 11.73
CA ASP B 105 -13.94 3.23 11.67
C ASP B 105 -14.77 2.62 10.54
N THR B 106 -14.21 2.49 9.35
CA THR B 106 -14.92 1.86 8.23
C THR B 106 -14.86 0.33 8.24
N TYR B 107 -13.70 -0.22 8.57
CA TYR B 107 -13.50 -1.66 8.57
C TYR B 107 -13.81 -2.30 9.92
N CYS B 108 -12.94 -2.03 10.89
CA CYS B 108 -13.04 -2.68 12.21
C CYS B 108 -14.35 -2.45 12.95
N ARG B 109 -14.62 -1.22 13.36
CA ARG B 109 -15.87 -0.98 14.07
C ARG B 109 -17.04 -1.60 13.34
N HIS B 110 -17.08 -1.46 12.02
CA HIS B 110 -18.20 -2.01 11.26
C HIS B 110 -18.35 -3.50 11.45
N ASN B 111 -17.40 -4.26 10.93
CA ASN B 111 -17.47 -5.70 11.03
C ASN B 111 -17.83 -6.10 12.47
N TYR B 112 -17.10 -5.52 13.43
CA TYR B 112 -17.32 -5.84 14.82
C TYR B 112 -18.78 -5.60 15.17
N GLY B 113 -19.35 -4.55 14.59
CA GLY B 113 -20.72 -4.18 14.87
C GLY B 113 -21.71 -5.22 14.39
N VAL B 114 -21.36 -5.90 13.31
CA VAL B 114 -22.23 -6.94 12.78
C VAL B 114 -22.18 -8.16 13.68
N GLY B 115 -20.98 -8.50 14.12
CA GLY B 115 -20.78 -9.72 14.90
C GLY B 115 -20.78 -9.53 16.41
N GLU B 116 -21.14 -8.34 16.85
CA GLU B 116 -21.20 -8.06 18.28
C GLU B 116 -22.20 -9.01 18.94
N SER B 117 -22.99 -9.68 18.10
CA SER B 117 -23.99 -10.62 18.56
C SER B 117 -23.47 -12.05 18.61
N PHE B 118 -23.20 -12.64 17.44
CA PHE B 118 -22.97 -14.08 17.32
C PHE B 118 -21.52 -14.56 17.46
N THR B 119 -20.60 -13.64 17.75
CA THR B 119 -19.21 -14.02 18.03
C THR B 119 -18.79 -13.55 19.43
N VAL B 120 -18.78 -12.24 19.63
CA VAL B 120 -18.46 -11.64 20.91
C VAL B 120 -19.32 -12.14 22.06
N GLN B 121 -20.63 -12.03 21.90
CA GLN B 121 -21.54 -12.36 22.99
C GLN B 121 -22.04 -13.80 22.95
N ARG B 122 -21.52 -14.57 22.01
CA ARG B 122 -21.89 -15.98 21.87
C ARG B 122 -21.40 -16.82 23.05
N ARG B 123 -22.31 -17.59 23.63
CA ARG B 123 -22.00 -18.36 24.84
C ARG B 123 -22.59 -19.76 24.80
N VAL B 124 -21.83 -20.74 25.27
CA VAL B 124 -22.31 -22.13 25.32
C VAL B 124 -21.84 -22.94 26.54
N TYR B 125 -22.76 -23.74 27.08
CA TYR B 125 -22.50 -24.50 28.30
C TYR B 125 -21.32 -25.43 28.17
N PRO B 126 -20.55 -25.53 29.25
CA PRO B 126 -19.39 -26.41 29.43
C PRO B 126 -19.75 -27.81 29.96
N GLU B 127 -20.17 -28.73 29.10
CA GLU B 127 -20.44 -30.09 29.56
C GLU B 127 -19.19 -30.65 30.23
N VAL B 128 -19.33 -31.07 31.48
CA VAL B 128 -18.19 -31.48 32.30
C VAL B 128 -18.33 -32.93 32.81
N THR B 129 -17.21 -33.66 32.80
CA THR B 129 -17.16 -35.07 33.13
C THR B 129 -16.11 -35.28 34.21
N VAL B 130 -15.74 -36.52 34.50
CA VAL B 130 -14.61 -36.79 35.39
C VAL B 130 -14.34 -38.29 35.44
N TYR B 131 -13.12 -38.68 35.79
CA TYR B 131 -12.72 -40.08 35.69
C TYR B 131 -11.25 -40.32 35.98
N PRO B 132 -10.93 -41.41 36.67
CA PRO B 132 -9.55 -41.85 36.87
C PRO B 132 -8.98 -42.44 35.59
N ALA B 133 -7.66 -42.59 35.51
CA ALA B 133 -7.04 -43.08 34.27
C ALA B 133 -6.28 -44.39 34.46
N LEU B 143 -5.06 -41.23 40.07
CA LEU B 143 -5.14 -39.96 39.34
C LEU B 143 -6.52 -39.65 38.73
N LEU B 144 -7.18 -38.61 39.24
CA LEU B 144 -8.45 -38.15 38.69
C LEU B 144 -8.24 -37.41 37.38
N VAL B 145 -9.28 -37.31 36.57
CA VAL B 145 -9.26 -36.47 35.37
C VAL B 145 -10.52 -35.62 35.32
N CYS B 146 -10.42 -34.41 34.80
CA CYS B 146 -11.61 -33.59 34.68
C CYS B 146 -11.75 -33.03 33.27
N SER B 147 -12.74 -33.49 32.53
CA SER B 147 -12.86 -33.15 31.12
C SER B 147 -13.99 -32.15 30.87
N VAL B 148 -13.62 -30.92 30.52
CA VAL B 148 -14.58 -29.89 30.18
C VAL B 148 -14.76 -29.85 28.66
N ASN B 149 -15.98 -29.73 28.15
CA ASN B 149 -16.16 -29.78 26.69
C ASN B 149 -17.21 -28.85 26.11
N GLY B 150 -17.02 -28.52 24.83
CA GLY B 150 -17.98 -27.75 24.04
C GLY B 150 -18.41 -26.40 24.59
N PHE B 151 -17.43 -25.56 24.95
CA PHE B 151 -17.73 -24.26 25.57
C PHE B 151 -17.07 -23.07 24.88
N TYR B 152 -17.81 -21.97 24.75
CA TYR B 152 -17.26 -20.74 24.21
C TYR B 152 -17.76 -19.53 25.00
N PRO B 153 -16.87 -18.55 25.22
CA PRO B 153 -15.46 -18.57 24.81
C PRO B 153 -14.68 -19.56 25.66
N GLY B 154 -13.36 -19.54 25.52
CA GLY B 154 -12.51 -20.44 26.27
C GLY B 154 -11.91 -19.84 27.53
N SER B 155 -12.49 -18.78 28.04
CA SER B 155 -11.97 -18.16 29.24
C SER B 155 -12.66 -18.82 30.41
N ILE B 156 -11.94 -19.65 31.15
CA ILE B 156 -12.59 -20.50 32.14
C ILE B 156 -11.71 -20.93 33.30
N GLU B 157 -12.31 -21.11 34.47
CA GLU B 157 -11.55 -21.54 35.64
C GLU B 157 -12.00 -22.93 36.11
N VAL B 158 -11.03 -23.81 36.29
CA VAL B 158 -11.28 -25.15 36.81
C VAL B 158 -10.34 -25.47 37.97
N ARG B 159 -10.90 -25.63 39.16
CA ARG B 159 -10.09 -25.86 40.36
C ARG B 159 -10.55 -27.08 41.15
N TRP B 160 -9.61 -27.94 41.55
CA TRP B 160 -9.93 -29.15 42.29
C TRP B 160 -10.14 -28.88 43.79
N PHE B 161 -11.02 -29.66 44.40
CA PHE B 161 -11.35 -29.52 45.82
C PHE B 161 -11.33 -30.86 46.57
N ARG B 162 -10.52 -30.97 47.63
CA ARG B 162 -10.63 -32.10 48.52
C ARG B 162 -11.31 -31.68 49.81
N ASN B 163 -12.56 -32.10 50.00
CA ASN B 163 -13.31 -31.79 51.21
C ASN B 163 -13.30 -30.31 51.58
N GLY B 164 -13.83 -29.47 50.71
CA GLY B 164 -14.05 -28.07 51.05
C GLY B 164 -12.77 -27.28 51.08
N GLN B 165 -11.66 -27.99 51.18
CA GLN B 165 -10.35 -27.41 50.97
C GLN B 165 -10.09 -27.39 49.48
N GLU B 166 -9.25 -26.47 49.02
CA GLU B 166 -8.85 -26.46 47.63
C GLU B 166 -7.48 -27.11 47.51
N GLU B 167 -7.35 -28.05 46.58
CA GLU B 167 -6.05 -28.66 46.35
C GLU B 167 -5.38 -27.91 45.22
N LYS B 168 -4.36 -27.12 45.56
CA LYS B 168 -3.66 -26.30 44.57
C LYS B 168 -2.38 -26.90 44.01
N THR B 169 -1.87 -27.95 44.64
CA THR B 169 -0.59 -28.50 44.23
C THR B 169 -0.78 -29.73 43.38
N GLY B 170 0.31 -30.25 42.83
CA GLY B 170 0.27 -31.54 42.15
C GLY B 170 -0.79 -31.63 41.07
N VAL B 171 -1.38 -30.48 40.71
CA VAL B 171 -2.42 -30.45 39.70
C VAL B 171 -1.71 -30.46 38.37
N VAL B 172 -2.47 -30.19 37.31
CA VAL B 172 -1.88 -29.82 36.04
C VAL B 172 -2.98 -29.66 35.02
N SER B 173 -2.67 -28.98 33.92
CA SER B 173 -3.66 -28.74 32.88
C SER B 173 -3.17 -29.05 31.50
N THR B 174 -4.07 -29.57 30.68
CA THR B 174 -3.81 -29.77 29.27
C THR B 174 -3.88 -28.40 28.66
N GLY B 175 -4.32 -27.45 29.48
CA GLY B 175 -4.49 -26.09 29.01
C GLY B 175 -5.71 -26.00 28.11
N LEU B 176 -5.86 -24.85 27.46
CA LEU B 176 -6.95 -24.63 26.54
C LEU B 176 -6.66 -25.32 25.19
N ILE B 177 -7.65 -26.02 24.65
CA ILE B 177 -7.53 -26.72 23.37
C ILE B 177 -8.55 -26.17 22.38
N GLN B 178 -8.33 -26.36 21.09
CA GLN B 178 -9.19 -25.77 20.08
C GLN B 178 -9.66 -26.81 19.08
N ASN B 179 -10.97 -26.88 18.84
CA ASN B 179 -11.52 -27.82 17.86
C ASN B 179 -11.86 -27.22 16.49
N GLY B 180 -11.71 -25.92 16.34
CA GLY B 180 -11.96 -25.26 15.07
C GLY B 180 -13.41 -25.13 14.70
N ASP B 181 -14.29 -25.71 15.51
CA ASP B 181 -15.74 -25.56 15.38
C ASP B 181 -16.34 -24.52 16.32
N TRP B 182 -15.48 -23.80 17.04
CA TRP B 182 -15.89 -22.79 18.02
C TRP B 182 -16.13 -23.35 19.40
N THR B 183 -16.18 -24.68 19.50
CA THR B 183 -16.13 -25.29 20.82
C THR B 183 -14.68 -25.29 21.26
N PHE B 184 -14.45 -25.43 22.56
CA PHE B 184 -13.12 -25.56 23.10
C PHE B 184 -13.08 -26.85 23.90
N GLN B 185 -12.02 -27.06 24.66
CA GLN B 185 -11.94 -28.25 25.49
C GLN B 185 -10.68 -28.16 26.34
N THR B 186 -10.69 -28.80 27.50
CA THR B 186 -9.51 -28.86 28.37
C THR B 186 -9.51 -30.05 29.31
N LEU B 187 -8.34 -30.61 29.56
CA LEU B 187 -8.22 -31.69 30.52
C LEU B 187 -7.38 -31.22 31.69
N VAL B 188 -7.99 -31.16 32.87
CA VAL B 188 -7.26 -30.82 34.08
C VAL B 188 -7.06 -32.05 34.98
N MET B 189 -5.83 -32.55 35.04
CA MET B 189 -5.54 -33.71 35.88
C MET B 189 -5.24 -33.36 37.33
N LEU B 190 -5.61 -34.25 38.25
CA LEU B 190 -5.24 -34.11 39.66
C LEU B 190 -4.62 -35.40 40.20
N GLU B 191 -3.35 -35.35 40.57
CA GLU B 191 -2.66 -36.53 41.04
C GLU B 191 -2.74 -36.61 42.56
N THR B 192 -3.45 -37.61 43.06
CA THR B 192 -3.64 -37.74 44.51
C THR B 192 -3.93 -39.16 44.99
N VAL B 193 -3.72 -39.39 46.28
CA VAL B 193 -4.00 -40.69 46.90
C VAL B 193 -5.10 -40.55 47.94
N PRO B 194 -6.26 -41.17 47.71
CA PRO B 194 -7.42 -40.94 48.56
C PRO B 194 -7.49 -41.94 49.70
N ARG B 195 -8.42 -41.75 50.63
CA ARG B 195 -8.77 -42.80 51.58
C ARG B 195 -10.27 -42.91 51.93
N SER B 196 -10.90 -44.00 51.54
CA SER B 196 -12.06 -44.51 52.28
C SER B 196 -12.93 -43.44 52.93
N GLY B 197 -13.68 -42.69 52.13
CA GLY B 197 -14.67 -41.80 52.70
C GLY B 197 -14.38 -40.31 52.69
N GLU B 198 -13.34 -39.91 51.97
CA GLU B 198 -13.22 -38.50 51.63
C GLU B 198 -13.96 -38.28 50.32
N VAL B 199 -14.02 -37.03 49.86
CA VAL B 199 -14.79 -36.67 48.68
C VAL B 199 -14.05 -35.64 47.85
N TYR B 200 -13.83 -35.89 46.56
CA TYR B 200 -13.18 -34.88 45.73
C TYR B 200 -14.19 -34.06 44.96
N THR B 201 -13.73 -33.02 44.29
CA THR B 201 -14.64 -32.13 43.57
C THR B 201 -13.92 -31.43 42.41
N CYS B 202 -14.65 -31.15 41.34
CA CYS B 202 -14.09 -30.46 40.18
C CYS B 202 -15.03 -29.34 39.82
N GLN B 203 -14.54 -28.11 39.91
CA GLN B 203 -15.40 -26.94 39.84
C GLN B 203 -15.15 -26.05 38.62
N VAL B 204 -16.22 -25.73 37.92
CA VAL B 204 -16.12 -25.01 36.66
C VAL B 204 -16.90 -23.70 36.71
N GLU B 205 -16.21 -22.60 36.40
CA GLU B 205 -16.87 -21.32 36.24
C GLU B 205 -16.52 -20.77 34.87
N HIS B 206 -17.51 -20.62 34.01
CA HIS B 206 -17.32 -20.09 32.66
C HIS B 206 -18.40 -19.06 32.47
N PRO B 207 -18.08 -17.93 31.82
CA PRO B 207 -19.17 -16.96 31.86
C PRO B 207 -20.30 -17.37 30.93
N SER B 208 -20.64 -18.65 30.95
CA SER B 208 -21.95 -19.10 30.52
C SER B 208 -22.84 -19.48 31.71
N LEU B 209 -22.29 -19.44 32.92
CA LEU B 209 -22.95 -20.03 34.08
C LEU B 209 -23.23 -19.07 35.23
N THR B 210 -24.46 -19.08 35.72
CA THR B 210 -24.83 -18.31 36.91
C THR B 210 -24.25 -18.99 38.14
N SER B 211 -24.18 -20.30 38.09
CA SER B 211 -23.65 -21.07 39.20
C SER B 211 -22.37 -21.80 38.81
N PRO B 212 -21.52 -22.05 39.81
CA PRO B 212 -20.26 -22.78 39.67
C PRO B 212 -20.51 -24.27 39.47
N LEU B 213 -20.71 -24.67 38.22
CA LEU B 213 -20.96 -26.08 37.91
C LEU B 213 -19.89 -26.95 38.57
N THR B 214 -20.32 -28.02 39.26
CA THR B 214 -19.38 -28.93 39.96
C THR B 214 -19.62 -30.42 39.66
N VAL B 215 -18.65 -31.25 40.01
CA VAL B 215 -18.75 -32.70 39.84
C VAL B 215 -17.93 -33.40 40.93
N GLU B 216 -18.28 -34.63 41.30
CA GLU B 216 -17.67 -35.24 42.45
C GLU B 216 -17.08 -36.62 42.19
N TRP B 217 -16.28 -37.09 43.15
CA TRP B 217 -15.73 -38.43 43.09
C TRP B 217 -15.45 -38.91 44.52
N ARG B 218 -15.56 -40.20 44.77
CA ARG B 218 -15.38 -40.70 46.14
C ARG B 218 -14.49 -41.95 46.22
N ALA C 3 -31.16 -3.05 -7.67
CA ALA C 3 -31.56 -1.71 -7.28
C ALA C 3 -30.83 -1.24 -6.03
N LYS C 4 -29.86 -0.29 -6.36
CA LYS C 4 -29.01 0.28 -5.31
C LYS C 4 -29.58 1.59 -4.77
N THR C 5 -29.61 2.61 -5.62
CA THR C 5 -30.03 3.95 -5.21
C THR C 5 -30.95 4.59 -6.24
N THR C 6 -31.88 5.42 -5.76
CA THR C 6 -32.85 6.06 -6.64
C THR C 6 -32.58 7.54 -6.89
N GLN C 7 -32.89 7.98 -8.10
CA GLN C 7 -32.75 9.38 -8.47
C GLN C 7 -33.91 9.80 -9.37
N PRO C 8 -34.20 11.11 -9.42
CA PRO C 8 -35.15 11.69 -10.38
C PRO C 8 -34.58 11.56 -11.79
N ASN C 9 -35.39 11.11 -12.75
CA ASN C 9 -34.90 10.95 -14.11
C ASN C 9 -34.18 12.17 -14.65
N SER C 10 -34.94 13.22 -14.92
CA SER C 10 -34.37 14.42 -15.54
C SER C 10 -34.68 15.67 -14.74
N MET C 11 -33.81 16.67 -14.86
CA MET C 11 -33.97 17.92 -14.11
C MET C 11 -33.38 19.11 -14.85
N GLU C 12 -34.05 20.26 -14.76
CA GLU C 12 -33.63 21.46 -15.48
C GLU C 12 -33.09 22.57 -14.60
N SER C 13 -32.16 23.35 -15.15
CA SER C 13 -31.54 24.46 -14.45
C SER C 13 -31.34 25.65 -15.38
N ASN C 14 -30.68 26.70 -14.89
CA ASN C 14 -30.30 27.84 -15.73
C ASN C 14 -28.81 28.18 -15.56
N GLU C 15 -28.20 28.74 -16.61
CA GLU C 15 -26.76 28.99 -16.57
C GLU C 15 -26.38 29.98 -15.48
N GLU C 16 -25.26 29.71 -14.82
CA GLU C 16 -24.76 30.50 -13.70
C GLU C 16 -25.53 30.18 -12.41
N GLU C 17 -26.68 29.53 -12.54
CA GLU C 17 -27.51 29.21 -11.39
C GLU C 17 -26.99 28.00 -10.63
N PRO C 18 -27.06 28.06 -9.29
CA PRO C 18 -26.73 26.90 -8.44
C PRO C 18 -27.75 25.79 -8.66
N VAL C 19 -27.27 24.56 -8.87
CA VAL C 19 -28.15 23.42 -9.06
C VAL C 19 -27.87 22.31 -8.05
N HIS C 20 -28.91 21.93 -7.31
CA HIS C 20 -28.84 20.89 -6.30
C HIS C 20 -29.45 19.57 -6.80
N LEU C 21 -28.65 18.50 -6.80
CA LEU C 21 -29.04 17.22 -7.35
C LEU C 21 -29.37 16.20 -6.27
N PRO C 22 -30.65 15.78 -6.19
CA PRO C 22 -31.14 14.88 -5.15
C PRO C 22 -30.74 13.45 -5.43
N CYS C 23 -30.35 12.73 -4.38
CA CYS C 23 -30.13 11.31 -4.47
C CYS C 23 -30.67 10.68 -3.19
N ASN C 24 -31.56 9.72 -3.35
CA ASN C 24 -31.99 8.91 -2.24
C ASN C 24 -31.49 7.51 -2.48
N HIS C 25 -30.74 6.97 -1.54
CA HIS C 25 -30.52 5.55 -1.58
C HIS C 25 -31.14 4.93 -0.35
N SER C 26 -32.35 4.40 -0.50
CA SER C 26 -32.79 3.28 0.32
C SER C 26 -32.22 3.42 1.73
N THR C 27 -31.50 2.38 2.13
CA THR C 27 -30.49 2.50 3.15
C THR C 27 -29.27 1.75 2.64
N ILE C 28 -28.10 2.28 2.97
CA ILE C 28 -26.85 1.77 2.46
C ILE C 28 -26.11 1.20 3.65
N SER C 29 -25.18 0.29 3.40
CA SER C 29 -24.54 -0.39 4.52
C SER C 29 -23.57 0.53 5.26
N GLY C 30 -23.02 0.01 6.36
CA GLY C 30 -22.19 0.82 7.23
C GLY C 30 -20.97 1.34 6.51
N THR C 31 -20.17 0.42 5.97
CA THR C 31 -19.02 0.85 5.19
C THR C 31 -19.34 0.71 3.73
N ASP C 32 -19.74 1.83 3.13
CA ASP C 32 -19.74 2.00 1.70
C ASP C 32 -19.62 3.49 1.48
N TYR C 33 -18.81 3.87 0.52
CA TYR C 33 -18.73 5.26 0.10
C TYR C 33 -19.87 5.54 -0.89
N ILE C 34 -20.26 6.82 -1.00
CA ILE C 34 -21.20 7.23 -2.03
C ILE C 34 -20.42 7.93 -3.14
N HIS C 35 -20.45 7.37 -4.34
CA HIS C 35 -19.79 8.02 -5.48
C HIS C 35 -20.81 8.64 -6.41
N TRP C 36 -20.44 9.76 -7.02
CA TRP C 36 -21.27 10.39 -8.03
C TRP C 36 -20.49 10.45 -9.33
N TYR C 37 -20.91 9.70 -10.33
CA TYR C 37 -20.22 9.73 -11.62
C TYR C 37 -21.13 10.38 -12.64
N ARG C 38 -20.53 11.09 -13.60
CA ARG C 38 -21.31 11.76 -14.64
C ARG C 38 -20.75 11.42 -16.01
N GLN C 39 -21.55 11.66 -17.04
CA GLN C 39 -21.17 11.26 -18.38
C GLN C 39 -21.47 12.35 -19.40
N LEU C 40 -20.44 12.80 -20.11
CA LEU C 40 -20.63 13.69 -21.25
C LEU C 40 -21.52 12.96 -22.25
N PRO C 41 -22.19 13.70 -23.13
CA PRO C 41 -23.33 13.08 -23.83
C PRO C 41 -22.98 11.73 -24.45
N SER C 42 -21.90 11.67 -25.21
CA SER C 42 -21.36 10.38 -25.61
C SER C 42 -19.86 10.34 -25.36
N GLN C 43 -19.48 9.54 -24.37
CA GLN C 43 -18.10 9.34 -23.97
C GLN C 43 -18.15 8.49 -22.71
N GLY C 44 -17.00 8.02 -22.24
CA GLY C 44 -17.00 7.26 -21.01
C GLY C 44 -17.54 8.14 -19.91
N PRO C 45 -17.92 7.53 -18.77
CA PRO C 45 -18.28 8.34 -17.61
C PRO C 45 -17.01 8.91 -16.94
N GLU C 46 -17.18 9.74 -15.93
CA GLU C 46 -16.04 10.28 -15.21
C GLU C 46 -16.38 10.58 -13.75
N TYR C 47 -15.35 10.62 -12.92
CA TYR C 47 -15.51 10.80 -11.49
C TYR C 47 -16.02 12.19 -11.16
N VAL C 48 -16.67 12.35 -10.02
CA VAL C 48 -17.08 13.67 -9.52
C VAL C 48 -16.70 13.92 -8.06
N ILE C 49 -17.22 13.12 -7.14
CA ILE C 49 -16.92 13.30 -5.73
C ILE C 49 -17.59 12.24 -4.88
N HIS C 50 -17.10 12.05 -3.65
CA HIS C 50 -17.58 10.99 -2.79
C HIS C 50 -17.31 11.26 -1.31
N GLY C 51 -18.05 10.60 -0.43
CA GLY C 51 -17.67 10.59 0.97
C GLY C 51 -18.44 9.62 1.84
N LEU C 52 -17.78 9.16 2.91
CA LEU C 52 -18.35 8.26 3.90
C LEU C 52 -19.58 8.87 4.56
N THR C 53 -19.36 9.96 5.28
CA THR C 53 -20.40 10.70 5.99
C THR C 53 -20.00 12.15 6.12
N SER C 54 -20.71 12.87 6.99
CA SER C 54 -20.41 14.28 7.22
C SER C 54 -20.62 15.04 5.92
N ASN C 55 -19.64 15.87 5.54
CA ASN C 55 -19.74 16.62 4.30
C ASN C 55 -18.40 16.72 3.60
N VAL C 56 -18.43 16.88 2.28
CA VAL C 56 -17.21 16.97 1.50
C VAL C 56 -17.40 17.88 0.30
N ASN C 57 -16.36 18.64 -0.04
CA ASN C 57 -16.32 19.41 -1.27
C ASN C 57 -14.91 19.58 -1.84
N ASN C 58 -14.85 19.70 -3.16
CA ASN C 58 -13.60 19.87 -3.90
C ASN C 58 -13.93 20.74 -5.10
N ARG C 59 -13.04 20.81 -6.08
CA ARG C 59 -13.40 21.57 -7.27
C ARG C 59 -14.48 20.79 -8.02
N MET C 60 -15.01 21.40 -9.07
CA MET C 60 -16.05 20.78 -9.91
C MET C 60 -17.39 20.55 -9.21
N ALA C 61 -17.42 20.60 -7.87
CA ALA C 61 -18.66 20.34 -7.12
C ALA C 61 -18.48 20.27 -5.60
N SER C 62 -19.61 20.11 -4.90
CA SER C 62 -19.61 19.81 -3.47
C SER C 62 -20.57 18.64 -3.21
N LEU C 63 -20.62 18.15 -1.97
CA LEU C 63 -21.44 16.97 -1.65
C LEU C 63 -22.16 17.06 -0.30
N ALA C 64 -23.46 16.78 -0.30
CA ALA C 64 -24.28 16.87 0.92
C ALA C 64 -24.84 15.52 1.38
N ILE C 65 -24.31 15.00 2.49
CA ILE C 65 -24.73 13.72 3.04
C ILE C 65 -25.61 13.92 4.27
N ALA C 66 -26.78 13.31 4.27
CA ALA C 66 -27.73 13.48 5.36
C ALA C 66 -27.21 12.86 6.65
N GLU C 67 -27.78 13.29 7.78
CA GLU C 67 -27.32 12.86 9.10
C GLU C 67 -27.32 11.33 9.27
N ASP C 68 -28.35 10.69 8.75
CA ASP C 68 -28.53 9.25 8.87
C ASP C 68 -27.95 8.48 7.68
N ARG C 69 -27.33 9.21 6.77
CA ARG C 69 -26.75 8.63 5.57
C ARG C 69 -27.81 7.94 4.70
N LYS C 70 -29.05 8.37 4.87
CA LYS C 70 -30.13 7.88 4.03
C LYS C 70 -30.16 8.60 2.69
N SER C 71 -29.84 9.89 2.71
CA SER C 71 -29.89 10.69 1.49
C SER C 71 -28.61 11.50 1.24
N SER C 72 -28.35 11.80 -0.02
CA SER C 72 -27.20 12.63 -0.39
C SER C 72 -27.57 13.63 -1.49
N THR C 73 -26.87 14.76 -1.52
CA THR C 73 -27.16 15.81 -2.50
C THR C 73 -25.91 16.38 -3.15
N LEU C 74 -25.80 16.24 -4.47
CA LEU C 74 -24.69 16.83 -5.21
C LEU C 74 -24.99 18.30 -5.45
N ILE C 75 -24.06 19.17 -5.08
CA ILE C 75 -24.25 20.60 -5.25
C ILE C 75 -23.39 21.14 -6.38
N LEU C 76 -24.00 21.90 -7.27
CA LEU C 76 -23.25 22.65 -8.25
C LEU C 76 -23.41 24.15 -7.98
N HIS C 77 -22.34 24.79 -7.51
CA HIS C 77 -22.41 26.20 -7.17
C HIS C 77 -22.84 27.08 -8.34
N ARG C 78 -21.96 27.21 -9.33
CA ARG C 78 -22.27 27.98 -10.53
C ARG C 78 -22.28 27.01 -11.71
N ALA C 79 -23.43 26.85 -12.34
CA ALA C 79 -23.59 25.84 -13.38
C ALA C 79 -23.23 26.38 -14.75
N THR C 80 -22.30 25.71 -15.43
CA THR C 80 -21.92 26.10 -16.78
C THR C 80 -22.61 25.20 -17.80
N LEU C 81 -22.40 25.50 -19.07
CA LEU C 81 -23.06 24.76 -20.14
C LEU C 81 -22.51 23.37 -20.24
N ARG C 82 -21.29 23.16 -19.75
CA ARG C 82 -20.61 21.89 -19.93
C ARG C 82 -21.06 20.89 -18.86
N ASP C 83 -21.87 21.37 -17.92
CA ASP C 83 -22.39 20.50 -16.88
C ASP C 83 -23.56 19.69 -17.39
N ALA C 84 -24.11 20.10 -18.53
CA ALA C 84 -25.17 19.33 -19.14
C ALA C 84 -24.62 17.94 -19.35
N ALA C 85 -25.28 16.95 -18.77
CA ALA C 85 -24.78 15.60 -18.78
C ALA C 85 -25.68 14.75 -17.91
N VAL C 86 -25.37 13.47 -17.86
CA VAL C 86 -26.07 12.58 -16.95
C VAL C 86 -25.25 12.37 -15.69
N TYR C 87 -25.88 12.55 -14.53
CA TYR C 87 -25.21 12.39 -13.25
C TYR C 87 -25.72 11.15 -12.52
N TYR C 88 -24.88 10.11 -12.45
CA TYR C 88 -25.23 8.85 -11.80
C TYR C 88 -24.88 8.87 -10.31
N CYS C 89 -25.75 8.27 -9.49
CA CYS C 89 -25.50 8.17 -8.06
C CYS C 89 -25.43 6.70 -7.67
N THR C 90 -24.28 6.28 -7.16
CA THR C 90 -24.00 4.87 -6.98
C THR C 90 -23.44 4.58 -5.61
N VAL C 91 -23.20 3.31 -5.30
CA VAL C 91 -22.58 2.94 -4.04
C VAL C 91 -21.41 2.00 -4.27
N TYR C 92 -20.28 2.33 -3.66
CA TYR C 92 -19.04 1.58 -3.85
C TYR C 92 -18.29 1.47 -2.53
N GLY C 93 -17.90 0.26 -2.13
CA GLY C 93 -17.24 0.09 -0.84
C GLY C 93 -17.07 -1.32 -0.33
N GLY C 94 -16.95 -1.46 0.98
CA GLY C 94 -16.67 -2.74 1.61
C GLY C 94 -17.67 -3.85 1.34
N ALA C 95 -18.94 -3.50 1.20
CA ALA C 95 -19.95 -4.52 0.92
C ALA C 95 -20.26 -4.66 -0.56
N THR C 96 -19.77 -3.73 -1.37
CA THR C 96 -19.99 -3.80 -2.81
C THR C 96 -18.69 -3.65 -3.56
N ASN C 97 -18.21 -4.73 -4.17
CA ASN C 97 -16.97 -4.68 -4.93
C ASN C 97 -17.21 -4.11 -6.31
N LYS C 98 -18.42 -4.31 -6.81
CA LYS C 98 -18.78 -3.92 -8.16
C LYS C 98 -19.40 -2.52 -8.17
N LEU C 99 -19.12 -1.76 -9.23
CA LEU C 99 -19.72 -0.45 -9.37
C LEU C 99 -21.00 -0.60 -10.18
N ILE C 100 -22.13 -0.44 -9.51
CA ILE C 100 -23.41 -0.73 -10.10
C ILE C 100 -24.09 0.56 -10.54
N PHE C 101 -24.16 0.75 -11.85
CA PHE C 101 -24.61 2.02 -12.39
C PHE C 101 -26.13 2.22 -12.34
N GLY C 102 -26.55 3.30 -11.71
CA GLY C 102 -27.94 3.57 -11.44
C GLY C 102 -28.73 3.97 -12.67
N THR C 103 -29.97 4.42 -12.43
CA THR C 103 -30.89 4.76 -13.50
C THR C 103 -30.52 6.11 -14.10
N GLY C 104 -30.09 7.02 -13.25
CA GLY C 104 -29.51 8.29 -13.70
C GLY C 104 -30.38 9.51 -13.55
N THR C 105 -29.72 10.66 -13.41
CA THR C 105 -30.36 11.96 -13.46
C THR C 105 -29.77 12.72 -14.63
N LEU C 106 -30.60 13.10 -15.59
CA LEU C 106 -30.13 13.89 -16.71
C LEU C 106 -30.35 15.37 -16.42
N LEU C 107 -29.28 16.14 -16.43
CA LEU C 107 -29.39 17.57 -16.22
C LEU C 107 -29.15 18.31 -17.52
N ALA C 108 -30.14 19.10 -17.92
CA ALA C 108 -29.98 20.03 -19.03
C ALA C 108 -29.94 21.44 -18.46
N VAL C 109 -28.88 22.17 -18.77
CA VAL C 109 -28.74 23.52 -18.28
C VAL C 109 -29.03 24.49 -19.43
N GLN C 110 -29.91 25.44 -19.15
CA GLN C 110 -30.42 26.36 -20.17
C GLN C 110 -29.60 27.65 -20.26
N PRO C 111 -29.10 27.95 -21.46
CA PRO C 111 -28.32 29.15 -21.73
C PRO C 111 -29.17 30.41 -21.73
N ASN C 112 -28.65 31.47 -21.13
CA ASN C 112 -29.35 32.75 -21.15
C ASN C 112 -28.95 33.53 -22.38
N ILE C 113 -29.91 33.78 -23.25
CA ILE C 113 -29.64 34.57 -24.44
C ILE C 113 -29.75 36.05 -24.10
N GLN C 114 -28.75 36.82 -24.50
CA GLN C 114 -28.69 38.23 -24.17
C GLN C 114 -29.73 39.06 -24.93
N ASN C 115 -29.96 38.70 -26.18
CA ASN C 115 -30.73 39.56 -27.09
C ASN C 115 -31.81 38.84 -27.89
N PRO C 116 -33.05 38.85 -27.36
CA PRO C 116 -34.22 38.15 -27.91
C PRO C 116 -34.71 38.74 -29.24
N ASP C 117 -33.85 38.76 -30.26
CA ASP C 117 -34.20 39.32 -31.57
C ASP C 117 -34.13 38.24 -32.64
N PRO C 118 -35.15 37.36 -32.66
CA PRO C 118 -35.19 36.18 -33.54
C PRO C 118 -35.48 36.49 -35.00
N ALA C 119 -35.11 35.57 -35.88
CA ALA C 119 -35.41 35.71 -37.30
C ALA C 119 -35.13 34.41 -38.04
N VAL C 120 -35.41 34.39 -39.35
CA VAL C 120 -35.13 33.23 -40.18
C VAL C 120 -34.48 33.64 -41.50
N TYR C 121 -33.22 33.25 -41.68
CA TYR C 121 -32.45 33.68 -42.84
C TYR C 121 -32.21 32.52 -43.81
N GLN C 122 -32.54 32.73 -45.09
CA GLN C 122 -32.30 31.70 -46.10
C GLN C 122 -30.90 31.80 -46.64
N LEU C 123 -30.09 30.77 -46.43
CA LEU C 123 -28.69 30.81 -46.82
C LEU C 123 -28.45 30.49 -48.30
N ARG C 124 -27.45 31.12 -48.90
CA ARG C 124 -27.08 30.83 -50.27
C ARG C 124 -26.11 29.64 -50.31
N ASP C 125 -26.23 28.79 -51.32
CA ASP C 125 -25.40 27.60 -51.41
C ASP C 125 -24.02 27.89 -52.01
N SER C 126 -23.00 27.16 -51.54
CA SER C 126 -21.64 27.27 -52.07
C SER C 126 -21.42 26.24 -53.19
N LYS C 127 -21.50 24.96 -52.83
CA LYS C 127 -21.36 23.88 -53.80
C LYS C 127 -22.49 23.95 -54.83
N SER C 128 -23.44 24.85 -54.58
CA SER C 128 -24.59 25.05 -55.46
C SER C 128 -25.43 23.77 -55.51
N SER C 129 -25.32 22.97 -54.45
CA SER C 129 -25.94 21.65 -54.38
C SER C 129 -27.42 21.71 -54.00
N ASP C 130 -27.72 22.02 -52.74
CA ASP C 130 -29.12 22.04 -52.30
C ASP C 130 -29.71 23.44 -52.17
N LYS C 131 -30.90 23.64 -52.71
CA LYS C 131 -31.65 24.84 -52.34
C LYS C 131 -32.53 24.36 -51.20
N SER C 132 -32.10 24.74 -49.99
CA SER C 132 -32.61 24.12 -48.77
C SER C 132 -32.88 25.08 -47.62
N VAL C 133 -31.82 25.78 -47.26
CA VAL C 133 -31.32 25.97 -45.88
C VAL C 133 -32.02 26.71 -44.73
N CYS C 134 -33.20 27.29 -44.93
CA CYS C 134 -33.63 28.39 -44.04
C CYS C 134 -33.29 28.16 -42.56
N LEU C 135 -32.65 29.18 -41.96
CA LEU C 135 -32.01 29.09 -40.64
C LEU C 135 -32.70 29.95 -39.59
N PHE C 136 -32.77 29.45 -38.36
CA PHE C 136 -33.53 30.07 -37.30
C PHE C 136 -32.62 30.30 -36.10
N THR C 137 -32.31 31.55 -35.77
CA THR C 137 -31.39 31.81 -34.67
C THR C 137 -31.72 33.04 -33.81
N ASP C 138 -30.93 33.24 -32.76
CA ASP C 138 -31.12 34.35 -31.82
C ASP C 138 -32.53 34.44 -31.25
N PHE C 139 -32.94 33.44 -30.49
CA PHE C 139 -34.28 33.46 -29.88
C PHE C 139 -34.31 33.01 -28.42
N ASP C 140 -35.31 33.49 -27.69
CA ASP C 140 -35.41 33.28 -26.25
C ASP C 140 -35.35 31.81 -25.90
N SER C 141 -34.83 31.50 -24.72
CA SER C 141 -34.63 30.11 -24.33
C SER C 141 -35.91 29.48 -23.80
N GLN C 142 -36.98 30.28 -23.73
CA GLN C 142 -38.26 29.76 -23.31
C GLN C 142 -38.93 29.05 -24.49
N THR C 143 -38.24 29.06 -25.64
CA THR C 143 -38.75 28.45 -26.87
C THR C 143 -38.13 27.10 -27.17
N ASN C 144 -38.96 26.20 -27.70
CA ASN C 144 -38.53 24.88 -28.12
C ASN C 144 -38.81 24.85 -29.61
N VAL C 145 -38.15 23.94 -30.34
CA VAL C 145 -38.17 24.07 -31.79
C VAL C 145 -39.45 23.52 -32.41
N SER C 146 -39.53 22.22 -32.68
CA SER C 146 -40.65 21.77 -33.49
C SER C 146 -40.70 20.37 -34.09
N GLN C 147 -41.82 20.17 -34.76
CA GLN C 147 -41.87 19.53 -36.07
C GLN C 147 -41.55 18.07 -36.34
N SER C 148 -40.64 17.88 -37.29
CA SER C 148 -40.95 17.09 -38.47
C SER C 148 -42.02 18.01 -39.14
N LYS C 149 -43.25 17.59 -39.45
CA LYS C 149 -43.72 16.22 -39.63
C LYS C 149 -43.72 15.95 -41.14
N ASP C 150 -43.27 16.95 -41.91
CA ASP C 150 -43.35 16.92 -43.36
C ASP C 150 -42.82 15.62 -43.94
N SER C 151 -41.81 15.05 -43.28
CA SER C 151 -41.22 13.76 -43.64
C SER C 151 -40.31 13.82 -44.86
N ASP C 152 -40.46 14.85 -45.68
CA ASP C 152 -39.46 15.19 -46.68
C ASP C 152 -38.60 16.36 -46.21
N VAL C 153 -38.97 16.91 -45.05
CA VAL C 153 -38.32 18.11 -44.50
C VAL C 153 -37.58 17.81 -43.22
N TYR C 154 -36.40 18.40 -43.07
CA TYR C 154 -35.53 18.12 -41.94
C TYR C 154 -35.31 19.31 -41.00
N ILE C 155 -35.37 19.03 -39.71
CA ILE C 155 -35.15 20.04 -38.69
C ILE C 155 -34.32 19.42 -37.57
N THR C 156 -33.61 20.25 -36.81
CA THR C 156 -32.80 19.73 -35.71
C THR C 156 -33.20 20.39 -34.40
N ASP C 157 -32.83 19.77 -33.27
CA ASP C 157 -33.14 20.34 -31.97
C ASP C 157 -32.33 21.62 -31.74
N LYS C 158 -32.94 22.61 -31.11
CA LYS C 158 -32.25 23.87 -30.86
C LYS C 158 -30.97 23.60 -30.11
N THR C 159 -29.85 24.09 -30.65
CA THR C 159 -28.57 23.92 -29.98
C THR C 159 -27.79 25.23 -29.87
N VAL C 160 -27.07 25.37 -28.76
CA VAL C 160 -26.45 26.64 -28.40
C VAL C 160 -25.07 26.81 -28.99
N LEU C 161 -24.79 28.01 -29.50
CA LEU C 161 -23.43 28.38 -29.92
C LEU C 161 -22.94 29.51 -29.04
N ASP C 162 -21.63 29.59 -28.88
CA ASP C 162 -21.05 30.61 -28.03
C ASP C 162 -19.85 31.27 -28.70
N MET C 163 -19.94 32.57 -28.91
CA MET C 163 -18.81 33.33 -29.42
C MET C 163 -18.06 33.86 -28.22
N ARG C 164 -16.86 33.35 -27.99
CA ARG C 164 -16.10 33.72 -26.81
C ARG C 164 -15.58 35.15 -26.90
N SER C 165 -15.08 35.51 -28.07
CA SER C 165 -14.55 36.85 -28.29
C SER C 165 -15.54 37.89 -27.79
N MET C 166 -16.78 37.76 -28.23
CA MET C 166 -17.80 38.76 -27.97
C MET C 166 -18.67 38.45 -26.76
N ASP C 167 -18.38 37.34 -26.08
CA ASP C 167 -19.26 36.86 -25.01
C ASP C 167 -20.72 36.93 -25.42
N PHE C 168 -21.11 36.06 -26.35
CA PHE C 168 -22.46 36.01 -26.87
C PHE C 168 -22.92 34.57 -27.03
N LYS C 169 -24.06 34.24 -26.44
CA LYS C 169 -24.67 32.92 -26.58
C LYS C 169 -26.02 33.08 -27.28
N SER C 170 -26.27 32.27 -28.29
CA SER C 170 -27.57 32.28 -28.97
C SER C 170 -28.03 30.90 -29.44
N ASN C 171 -29.30 30.59 -29.20
CA ASN C 171 -29.88 29.33 -29.63
C ASN C 171 -30.11 29.36 -31.13
N SER C 172 -29.52 28.42 -31.85
CA SER C 172 -29.74 28.35 -33.29
C SER C 172 -30.13 26.96 -33.78
N ALA C 173 -31.36 26.82 -34.26
CA ALA C 173 -31.78 25.59 -34.90
C ALA C 173 -31.67 25.78 -36.40
N VAL C 174 -31.91 24.72 -37.18
CA VAL C 174 -31.81 24.85 -38.62
C VAL C 174 -32.79 23.92 -39.32
N ALA C 175 -33.41 24.41 -40.41
CA ALA C 175 -34.40 23.64 -41.15
C ALA C 175 -34.07 23.59 -42.63
N TRP C 176 -33.84 22.38 -43.15
CA TRP C 176 -33.47 22.21 -44.55
C TRP C 176 -34.20 21.06 -45.23
N SER C 177 -34.39 21.17 -46.53
CA SER C 177 -35.07 20.14 -47.29
C SER C 177 -34.73 20.22 -48.78
N ASN C 178 -35.01 19.14 -49.49
CA ASN C 178 -35.06 19.21 -50.94
C ASN C 178 -36.50 18.95 -51.37
N LYS C 179 -37.21 20.02 -51.74
CA LYS C 179 -38.61 19.91 -52.13
C LYS C 179 -39.03 21.10 -52.99
N SER C 180 -40.03 20.90 -53.84
CA SER C 180 -40.63 21.99 -54.61
C SER C 180 -41.23 23.06 -53.72
N ASP C 181 -42.27 22.68 -52.98
CA ASP C 181 -43.02 23.59 -52.12
C ASP C 181 -42.22 24.15 -50.95
N PHE C 182 -41.25 23.39 -50.46
CA PHE C 182 -40.57 23.77 -49.22
C PHE C 182 -39.99 25.18 -49.32
N ALA C 183 -40.38 26.01 -48.36
CA ALA C 183 -39.94 27.39 -48.30
C ALA C 183 -40.05 27.85 -46.87
N CYS C 184 -39.42 28.98 -46.58
CA CYS C 184 -39.34 29.48 -45.22
C CYS C 184 -40.70 29.89 -44.66
N ALA C 185 -40.99 29.38 -43.46
CA ALA C 185 -42.29 29.55 -42.79
C ALA C 185 -43.33 28.51 -43.24
N ASN C 186 -43.02 27.81 -44.33
CA ASN C 186 -43.89 26.74 -44.81
C ASN C 186 -43.13 25.63 -45.53
N ASN C 190 -41.61 26.78 -38.59
CA ASN C 190 -42.69 26.40 -39.49
C ASN C 190 -43.89 25.84 -38.73
N SER C 191 -43.62 24.91 -37.81
CA SER C 191 -44.66 24.29 -36.98
C SER C 191 -45.05 25.14 -35.77
N ILE C 192 -44.05 25.73 -35.10
CA ILE C 192 -44.30 26.71 -34.03
C ILE C 192 -43.11 27.64 -33.92
N ILE C 193 -43.32 28.87 -33.45
CA ILE C 193 -42.22 29.83 -33.24
C ILE C 193 -42.56 30.99 -32.31
N PRO C 194 -41.56 31.84 -32.02
CA PRO C 194 -41.71 33.20 -31.47
C PRO C 194 -42.11 34.17 -32.58
N GLU C 195 -42.67 35.31 -32.19
CA GLU C 195 -43.27 36.25 -33.13
C GLU C 195 -42.35 36.71 -34.25
N ASP C 196 -41.23 37.33 -33.88
CA ASP C 196 -40.40 38.06 -34.85
C ASP C 196 -39.69 37.17 -35.87
N THR C 197 -39.70 37.61 -37.13
CA THR C 197 -39.05 36.91 -38.23
C THR C 197 -38.36 37.87 -39.20
N PHE C 198 -37.59 37.31 -40.13
CA PHE C 198 -36.92 38.04 -41.23
C PHE C 198 -36.02 39.22 -40.78
N VAL D 1 -4.41 6.10 -16.82
CA VAL D 1 -5.38 6.25 -17.90
C VAL D 1 -5.45 4.97 -18.74
N VAL D 2 -6.59 4.74 -19.37
CA VAL D 2 -6.79 3.56 -20.20
C VAL D 2 -7.32 3.93 -21.57
N SER D 3 -6.86 3.23 -22.61
CA SER D 3 -7.35 3.46 -23.96
C SER D 3 -8.15 2.28 -24.48
N GLN D 4 -9.22 2.55 -25.22
CA GLN D 4 -10.00 1.51 -25.86
C GLN D 4 -9.81 1.51 -27.36
N HIS D 5 -9.25 0.42 -27.90
CA HIS D 5 -9.08 0.30 -29.33
C HIS D 5 -9.74 -0.97 -29.85
N PRO D 6 -10.39 -0.86 -31.01
CA PRO D 6 -10.58 0.39 -31.75
C PRO D 6 -11.70 1.22 -31.17
N SER D 7 -11.69 2.52 -31.42
CA SER D 7 -12.74 3.41 -30.94
C SER D 7 -14.03 3.27 -31.75
N TRP D 8 -13.88 3.19 -33.07
CA TRP D 8 -15.03 2.93 -33.94
C TRP D 8 -14.81 1.61 -34.66
N VAL D 9 -15.89 1.02 -35.16
CA VAL D 9 -15.78 -0.19 -35.96
C VAL D 9 -17.13 -0.68 -36.47
N ILE D 10 -17.09 -1.48 -37.53
CA ILE D 10 -18.26 -2.09 -38.13
C ILE D 10 -17.87 -3.38 -38.84
N ALA D 11 -18.75 -4.37 -38.80
CA ALA D 11 -18.50 -5.67 -39.44
C ALA D 11 -19.79 -6.27 -40.00
N LYS D 12 -19.70 -7.47 -40.53
CA LYS D 12 -20.85 -8.10 -41.21
C LYS D 12 -21.92 -8.56 -40.24
N SER D 13 -23.01 -9.12 -40.76
CA SER D 13 -24.15 -9.53 -39.93
C SER D 13 -23.68 -10.47 -38.84
N GLY D 14 -22.52 -11.07 -39.05
CA GLY D 14 -21.79 -11.77 -38.01
C GLY D 14 -20.32 -11.75 -38.34
N THR D 15 -19.47 -11.79 -37.32
CA THR D 15 -18.04 -11.65 -37.51
C THR D 15 -17.37 -11.65 -36.14
N SER D 16 -16.05 -11.71 -36.13
CA SER D 16 -15.28 -11.51 -34.91
C SER D 16 -14.95 -10.03 -34.76
N VAL D 17 -15.47 -9.42 -33.69
CA VAL D 17 -15.13 -8.04 -33.36
C VAL D 17 -14.22 -8.05 -32.13
N LYS D 18 -12.93 -7.75 -32.32
CA LYS D 18 -11.97 -7.83 -31.24
C LYS D 18 -11.70 -6.43 -30.70
N ILE D 19 -12.23 -6.16 -29.50
CA ILE D 19 -12.11 -4.85 -28.86
C ILE D 19 -11.11 -4.93 -27.73
N GLU D 20 -10.00 -4.22 -27.84
CA GLU D 20 -9.03 -4.28 -26.76
C GLU D 20 -9.26 -3.21 -25.70
N CYS D 21 -8.54 -3.33 -24.60
CA CYS D 21 -8.48 -2.32 -23.57
C CYS D 21 -7.07 -2.38 -22.98
N ARG D 22 -6.41 -1.24 -22.86
CA ARG D 22 -5.03 -1.27 -22.38
C ARG D 22 -4.78 -0.22 -21.31
N SER D 23 -4.20 -0.66 -20.20
CA SER D 23 -3.79 0.25 -19.15
C SER D 23 -2.34 0.64 -19.42
N LEU D 24 -2.13 1.89 -19.82
CA LEU D 24 -0.83 2.34 -20.34
C LEU D 24 0.25 2.43 -19.26
N ASP D 25 -0.16 2.47 -18.00
CA ASP D 25 0.77 2.73 -16.92
C ASP D 25 0.68 1.71 -15.79
N PHE D 26 -0.43 1.74 -15.06
CA PHE D 26 -0.60 0.91 -13.88
C PHE D 26 -0.94 -0.54 -14.21
N GLN D 27 -0.67 -1.42 -13.25
CA GLN D 27 -1.07 -2.81 -13.36
C GLN D 27 -2.56 -2.87 -13.11
N ALA D 28 -3.28 -3.62 -13.94
CA ALA D 28 -4.73 -3.77 -13.77
C ALA D 28 -5.09 -5.15 -13.23
N THR D 29 -5.54 -5.16 -11.97
CA THR D 29 -5.93 -6.40 -11.30
C THR D 29 -7.33 -6.81 -11.72
N THR D 30 -8.16 -5.84 -12.06
CA THR D 30 -9.55 -6.10 -12.37
C THR D 30 -9.98 -5.35 -13.63
N MET D 31 -10.96 -5.90 -14.33
CA MET D 31 -11.51 -5.28 -15.53
C MET D 31 -13.02 -5.33 -15.50
N PHE D 32 -13.66 -4.19 -15.75
CA PHE D 32 -15.12 -4.13 -15.82
C PHE D 32 -15.56 -3.79 -17.23
N TRP D 33 -16.44 -4.60 -17.80
CA TRP D 33 -16.94 -4.36 -19.15
C TRP D 33 -18.39 -3.88 -19.15
N TYR D 34 -18.57 -2.61 -19.47
CA TYR D 34 -19.90 -2.00 -19.50
C TYR D 34 -20.33 -1.78 -20.93
N ARG D 35 -21.60 -2.04 -21.22
CA ARG D 35 -22.17 -1.70 -22.52
C ARG D 35 -23.38 -0.81 -22.31
N GLN D 36 -23.56 0.15 -23.21
CA GLN D 36 -24.62 1.14 -23.06
C GLN D 36 -25.42 1.29 -24.35
N PHE D 37 -26.71 1.02 -24.29
CA PHE D 37 -27.56 1.17 -25.46
C PHE D 37 -28.11 2.59 -25.55
N PRO D 38 -28.53 3.01 -26.75
CA PRO D 38 -28.84 4.42 -27.00
C PRO D 38 -29.80 5.00 -25.97
N LYS D 39 -29.41 6.12 -25.37
CA LYS D 39 -30.19 6.79 -24.34
C LYS D 39 -30.79 5.78 -23.38
N GLN D 40 -29.94 5.00 -22.71
CA GLN D 40 -30.46 4.04 -21.74
C GLN D 40 -29.79 4.17 -20.37
N SER D 41 -28.59 3.62 -20.25
CA SER D 41 -27.85 3.60 -19.01
C SER D 41 -26.61 2.74 -19.17
N LEU D 42 -25.74 2.70 -18.16
CA LEU D 42 -24.55 1.85 -18.19
C LEU D 42 -24.79 0.49 -17.55
N MET D 43 -24.77 -0.55 -18.37
CA MET D 43 -25.01 -1.89 -17.88
C MET D 43 -23.71 -2.67 -17.71
N LEU D 44 -23.64 -3.47 -16.65
CA LEU D 44 -22.44 -4.23 -16.34
C LEU D 44 -22.53 -5.61 -16.94
N MET D 45 -21.71 -5.87 -17.95
CA MET D 45 -21.71 -7.18 -18.59
C MET D 45 -20.90 -8.24 -17.85
N ALA D 46 -19.66 -7.91 -17.51
CA ALA D 46 -18.76 -8.93 -16.97
C ALA D 46 -17.78 -8.38 -15.94
N THR D 47 -16.99 -9.27 -15.37
CA THR D 47 -15.92 -8.89 -14.46
C THR D 47 -14.76 -9.80 -14.78
N SER D 48 -13.60 -9.25 -15.10
CA SER D 48 -12.43 -10.12 -15.28
C SER D 48 -11.37 -9.85 -14.23
N ASN D 49 -11.23 -10.78 -13.28
CA ASN D 49 -10.15 -10.69 -12.33
C ASN D 49 -8.96 -11.35 -13.01
N GLU D 50 -7.78 -10.77 -12.88
CA GLU D 50 -6.65 -11.20 -13.69
C GLU D 50 -6.46 -12.71 -13.65
N GLY D 51 -6.27 -13.30 -14.83
CA GLY D 51 -6.03 -14.73 -14.95
C GLY D 51 -7.05 -15.57 -14.22
N SER D 52 -8.33 -15.32 -14.47
CA SER D 52 -9.39 -16.08 -13.82
C SER D 52 -10.60 -16.31 -14.71
N LYS D 53 -11.55 -17.07 -14.18
CA LYS D 53 -12.83 -17.29 -14.84
C LYS D 53 -13.57 -15.96 -14.76
N ALA D 54 -13.95 -15.45 -15.92
CA ALA D 54 -14.61 -14.15 -15.96
C ALA D 54 -16.09 -14.28 -15.54
N THR D 55 -16.47 -13.54 -14.50
CA THR D 55 -17.83 -13.61 -13.96
C THR D 55 -18.78 -12.70 -14.72
N TYR D 56 -19.78 -13.28 -15.39
CA TYR D 56 -20.76 -12.49 -16.11
C TYR D 56 -21.98 -12.25 -15.23
N GLU D 57 -22.35 -10.98 -15.06
CA GLU D 57 -23.52 -10.67 -14.26
C GLU D 57 -24.73 -11.32 -14.90
N GLN D 58 -25.73 -11.67 -14.10
CA GLN D 58 -26.90 -12.39 -14.59
C GLN D 58 -27.59 -11.60 -15.71
N GLY D 59 -28.24 -12.32 -16.61
CA GLY D 59 -28.87 -11.70 -17.77
C GLY D 59 -27.91 -11.36 -18.89
N VAL D 60 -27.05 -12.30 -19.24
CA VAL D 60 -26.11 -12.12 -20.35
C VAL D 60 -26.22 -13.25 -21.37
N GLU D 61 -25.68 -13.01 -22.56
CA GLU D 61 -25.76 -13.94 -23.69
C GLU D 61 -24.70 -15.04 -23.59
N LYS D 62 -24.02 -15.11 -22.44
CA LYS D 62 -23.05 -16.17 -22.13
C LYS D 62 -21.82 -16.15 -23.04
N ASP D 63 -21.54 -17.25 -23.70
CA ASP D 63 -20.35 -17.40 -24.53
C ASP D 63 -20.30 -16.44 -25.72
N LYS D 64 -21.40 -15.71 -25.92
CA LYS D 64 -21.49 -14.70 -26.98
C LYS D 64 -20.38 -13.65 -26.88
N PHE D 65 -20.11 -13.19 -25.65
CA PHE D 65 -19.00 -12.28 -25.38
C PHE D 65 -17.88 -13.04 -24.66
N LEU D 66 -16.64 -12.92 -25.16
CA LEU D 66 -15.53 -13.63 -24.52
C LEU D 66 -14.37 -12.70 -24.12
N ILE D 67 -13.99 -12.75 -22.84
CA ILE D 67 -12.91 -11.92 -22.30
C ILE D 67 -11.59 -12.68 -22.18
N ASN D 68 -10.57 -12.21 -22.88
CA ASN D 68 -9.25 -12.85 -22.92
C ASN D 68 -8.23 -12.35 -21.90
N HIS D 69 -8.69 -11.59 -20.91
CA HIS D 69 -7.80 -10.72 -20.15
C HIS D 69 -6.52 -11.49 -19.90
N ALA D 70 -5.42 -10.87 -20.31
CA ALA D 70 -4.20 -11.61 -20.57
C ALA D 70 -3.19 -11.49 -19.44
N SER D 71 -2.52 -10.36 -19.31
CA SER D 71 -1.58 -10.28 -18.20
C SER D 71 -1.98 -9.25 -17.17
N LEU D 72 -1.45 -8.04 -17.26
CA LEU D 72 -2.03 -6.95 -16.50
C LEU D 72 -2.65 -5.89 -17.40
N THR D 73 -2.43 -6.01 -18.69
CA THR D 73 -2.68 -4.90 -19.59
C THR D 73 -3.67 -5.28 -20.67
N LEU D 74 -3.19 -6.06 -21.64
CA LEU D 74 -4.02 -6.47 -22.75
C LEU D 74 -5.26 -7.15 -22.21
N SER D 75 -6.42 -6.64 -22.61
CA SER D 75 -7.69 -7.25 -22.25
C SER D 75 -8.57 -7.30 -23.48
N THR D 76 -8.96 -8.49 -23.90
CA THR D 76 -9.71 -8.63 -25.13
C THR D 76 -11.15 -9.04 -24.89
N LEU D 77 -12.07 -8.11 -25.12
CA LEU D 77 -13.48 -8.47 -25.20
C LEU D 77 -13.78 -8.68 -26.67
N THR D 78 -14.04 -9.91 -27.04
CA THR D 78 -14.35 -10.23 -28.42
C THR D 78 -15.74 -10.80 -28.53
N VAL D 79 -16.53 -10.22 -29.41
CA VAL D 79 -17.89 -10.68 -29.62
C VAL D 79 -18.05 -11.29 -31.02
N THR D 80 -18.30 -12.59 -31.05
CA THR D 80 -18.54 -13.29 -32.31
C THR D 80 -20.04 -13.45 -32.50
N SER D 81 -20.46 -14.01 -33.64
CA SER D 81 -21.88 -14.18 -33.92
C SER D 81 -22.59 -12.84 -33.88
N ALA D 82 -22.06 -11.87 -34.63
CA ALA D 82 -22.58 -10.51 -34.57
C ALA D 82 -24.08 -10.45 -34.87
N HIS D 83 -24.75 -9.49 -34.25
CA HIS D 83 -26.17 -9.25 -34.47
C HIS D 83 -26.44 -7.76 -34.56
N PRO D 84 -27.40 -7.36 -35.41
CA PRO D 84 -27.83 -5.97 -35.52
C PRO D 84 -28.37 -5.44 -34.19
N GLU D 85 -29.04 -6.31 -33.44
CA GLU D 85 -29.64 -5.92 -32.16
C GLU D 85 -28.59 -5.66 -31.08
N ASP D 86 -27.34 -6.02 -31.37
CA ASP D 86 -26.24 -5.83 -30.42
C ASP D 86 -25.40 -4.58 -30.65
N SER D 87 -25.71 -3.82 -31.71
CA SER D 87 -24.97 -2.59 -31.95
C SER D 87 -25.17 -1.67 -30.76
N SER D 88 -24.07 -1.21 -30.17
CA SER D 88 -24.16 -0.41 -28.96
C SER D 88 -22.87 0.31 -28.59
N PHE D 89 -22.91 0.97 -27.44
CA PHE D 89 -21.77 1.71 -26.90
C PHE D 89 -21.07 0.84 -25.86
N TYR D 90 -19.85 0.42 -26.17
CA TYR D 90 -19.11 -0.50 -25.31
C TYR D 90 -17.95 0.18 -24.58
N ILE D 91 -18.03 0.20 -23.25
CA ILE D 91 -17.08 0.93 -22.41
C ILE D 91 -16.35 0.02 -21.43
N CYS D 92 -15.02 0.13 -21.37
CA CYS D 92 -14.22 -0.71 -20.49
C CYS D 92 -13.52 0.11 -19.41
N SER D 93 -13.24 -0.53 -18.29
CA SER D 93 -12.62 0.13 -17.15
C SER D 93 -11.59 -0.75 -16.45
N ALA D 94 -10.57 -0.11 -15.86
CA ALA D 94 -9.51 -0.84 -15.16
C ALA D 94 -9.45 -0.45 -13.69
N ARG D 95 -8.91 -1.33 -12.86
CA ARG D 95 -8.83 -1.09 -11.43
C ARG D 95 -7.43 -1.37 -10.89
N GLY D 96 -7.00 -0.57 -9.93
CA GLY D 96 -5.70 -0.72 -9.34
C GLY D 96 -5.74 -1.66 -8.16
N GLY D 97 -6.78 -2.49 -8.12
CA GLY D 97 -6.92 -3.44 -7.04
C GLY D 97 -8.34 -3.85 -6.72
N SER D 98 -8.51 -4.26 -5.48
CA SER D 98 -9.79 -4.70 -4.93
C SER D 98 -10.57 -3.53 -4.33
N TYR D 99 -11.50 -3.85 -3.45
CA TYR D 99 -12.53 -2.92 -3.01
C TYR D 99 -11.96 -1.54 -2.75
N ASN D 100 -12.71 -0.52 -3.14
CA ASN D 100 -12.33 0.86 -2.91
C ASN D 100 -11.04 1.23 -3.60
N SER D 101 -10.84 0.67 -4.78
CA SER D 101 -9.77 1.10 -5.66
C SER D 101 -10.39 1.90 -6.79
N PRO D 102 -9.92 3.12 -7.00
CA PRO D 102 -10.58 4.05 -7.93
C PRO D 102 -10.83 3.35 -9.25
N LEU D 103 -12.02 3.51 -9.81
CA LEU D 103 -12.35 2.84 -11.06
C LEU D 103 -11.98 3.73 -12.24
N HIS D 104 -11.01 3.29 -13.02
CA HIS D 104 -10.50 4.08 -14.14
C HIS D 104 -11.09 3.60 -15.48
N PHE D 105 -11.81 4.50 -16.13
CA PHE D 105 -12.52 4.22 -17.39
C PHE D 105 -11.69 4.47 -18.64
N GLY D 106 -12.37 4.52 -19.79
CA GLY D 106 -11.70 4.79 -21.05
C GLY D 106 -12.63 5.45 -22.07
N ASN D 107 -12.11 5.67 -23.27
CA ASN D 107 -12.86 6.30 -24.35
C ASN D 107 -14.24 5.68 -24.50
N GLY D 108 -14.25 4.39 -24.80
CA GLY D 108 -15.46 3.66 -25.11
C GLY D 108 -15.54 3.45 -26.61
N THR D 109 -16.09 2.30 -27.03
CA THR D 109 -16.12 1.96 -28.44
C THR D 109 -17.54 1.92 -29.00
N ARG D 110 -17.87 2.89 -29.83
CA ARG D 110 -19.18 2.94 -30.48
C ARG D 110 -19.14 2.04 -31.69
N LEU D 111 -20.09 1.12 -31.77
CA LEU D 111 -20.09 0.13 -32.84
C LEU D 111 -21.47 -0.09 -33.43
N THR D 112 -21.53 -0.08 -34.76
CA THR D 112 -22.72 -0.49 -35.50
C THR D 112 -22.35 -1.71 -36.31
N VAL D 113 -23.21 -2.73 -36.29
CA VAL D 113 -22.99 -3.92 -37.11
C VAL D 113 -24.22 -4.19 -37.99
N THR D 114 -24.03 -4.05 -39.30
CA THR D 114 -25.12 -4.25 -40.26
C THR D 114 -24.95 -5.58 -40.99
N GLU D 115 -25.86 -5.88 -41.91
CA GLU D 115 -25.87 -7.19 -42.57
C GLU D 115 -25.11 -7.21 -43.91
N ASP D 116 -24.54 -6.07 -44.29
CA ASP D 116 -23.77 -5.96 -45.52
C ASP D 116 -23.18 -4.57 -45.71
N LEU D 117 -22.22 -4.46 -46.62
CA LEU D 117 -21.52 -3.20 -46.87
C LEU D 117 -22.27 -2.33 -47.88
N LYS D 118 -23.44 -2.80 -48.32
CA LYS D 118 -24.25 -2.06 -49.27
C LYS D 118 -24.93 -0.86 -48.60
N ASN D 119 -24.91 -0.83 -47.27
CA ASN D 119 -25.47 0.30 -46.52
C ASN D 119 -24.40 1.33 -46.13
N VAL D 120 -23.15 1.06 -46.47
CA VAL D 120 -22.05 1.95 -46.10
C VAL D 120 -21.81 3.01 -47.18
N PHE D 121 -21.98 4.27 -46.79
CA PHE D 121 -21.69 5.41 -47.65
C PHE D 121 -20.89 6.44 -46.87
N PRO D 122 -20.00 7.17 -47.56
CA PRO D 122 -19.37 8.30 -46.88
C PRO D 122 -20.30 9.51 -46.93
N PRO D 123 -19.95 10.60 -46.23
CA PRO D 123 -20.78 11.80 -46.21
C PRO D 123 -20.62 12.63 -47.48
N GLU D 124 -21.70 13.26 -47.93
CA GLU D 124 -21.59 14.24 -49.01
C GLU D 124 -21.63 15.62 -48.40
N VAL D 125 -20.49 16.30 -48.41
CA VAL D 125 -20.32 17.56 -47.68
C VAL D 125 -20.35 18.81 -48.55
N ALA D 126 -21.27 19.71 -48.21
CA ALA D 126 -21.34 21.02 -48.84
C ALA D 126 -21.52 22.05 -47.74
N VAL D 127 -21.09 23.29 -48.00
CA VAL D 127 -21.24 24.37 -47.04
C VAL D 127 -22.47 25.20 -47.37
N PHE D 128 -22.78 26.16 -46.52
CA PHE D 128 -23.74 27.20 -46.84
C PHE D 128 -23.19 28.53 -46.33
N GLU D 129 -22.94 29.47 -47.25
CA GLU D 129 -22.48 30.78 -46.83
C GLU D 129 -23.65 31.61 -46.33
N PRO D 130 -23.41 32.53 -45.39
CA PRO D 130 -24.50 33.28 -44.77
C PRO D 130 -25.25 34.14 -45.77
N SER D 131 -26.24 34.86 -45.28
CA SER D 131 -26.98 35.79 -46.11
C SER D 131 -26.71 37.18 -45.56
N GLU D 132 -26.58 38.17 -46.44
CA GLU D 132 -26.37 39.52 -45.95
C GLU D 132 -27.63 39.99 -45.21
N ALA D 133 -28.68 39.19 -45.29
CA ALA D 133 -29.84 39.35 -44.44
C ALA D 133 -29.41 39.38 -42.97
N GLU D 134 -28.83 38.27 -42.50
CA GLU D 134 -28.29 38.20 -41.14
C GLU D 134 -27.31 39.36 -40.91
N ILE D 135 -26.38 39.54 -41.83
CA ILE D 135 -25.41 40.62 -41.75
C ILE D 135 -26.11 41.93 -41.43
N SER D 136 -26.99 42.37 -42.34
CA SER D 136 -27.71 43.63 -42.18
C SER D 136 -28.43 43.76 -40.84
N HIS D 137 -28.79 42.62 -40.25
CA HIS D 137 -29.56 42.64 -39.00
C HIS D 137 -28.68 42.57 -37.74
N THR D 138 -27.96 41.47 -37.56
CA THR D 138 -27.22 41.23 -36.32
C THR D 138 -25.76 41.66 -36.35
N GLN D 139 -25.30 42.15 -37.50
CA GLN D 139 -23.88 42.44 -37.67
C GLN D 139 -23.03 41.23 -37.29
N LYS D 140 -23.52 40.04 -37.66
CA LYS D 140 -22.77 38.81 -37.46
C LYS D 140 -22.94 37.94 -38.70
N ALA D 141 -22.05 36.98 -38.88
CA ALA D 141 -22.12 36.08 -40.03
C ALA D 141 -22.10 34.63 -39.60
N THR D 142 -23.17 33.91 -39.90
CA THR D 142 -23.31 32.51 -39.50
C THR D 142 -23.28 31.57 -40.70
N LEU D 143 -22.21 30.79 -40.84
CA LEU D 143 -22.15 29.75 -41.87
C LEU D 143 -23.02 28.57 -41.45
N VAL D 144 -23.13 27.57 -42.32
CA VAL D 144 -23.77 26.30 -42.00
C VAL D 144 -23.13 25.18 -42.80
N CYS D 145 -22.94 24.02 -42.18
CA CYS D 145 -22.36 22.88 -42.90
C CYS D 145 -23.30 21.70 -42.85
N LEU D 146 -23.53 21.08 -44.00
CA LEU D 146 -24.39 19.92 -44.07
C LEU D 146 -23.71 18.73 -44.70
N ALA D 147 -23.45 17.73 -43.87
CA ALA D 147 -22.87 16.47 -44.31
C ALA D 147 -23.94 15.40 -44.24
N THR D 148 -24.37 14.93 -45.40
CA THR D 148 -25.48 13.99 -45.47
C THR D 148 -25.12 12.71 -46.21
N GLY D 149 -26.08 11.79 -46.28
CA GLY D 149 -25.92 10.56 -47.03
C GLY D 149 -24.77 9.68 -46.59
N PHE D 150 -24.76 9.30 -45.31
CA PHE D 150 -23.72 8.39 -44.82
C PHE D 150 -24.24 7.30 -43.86
N TYR D 151 -23.33 6.45 -43.41
CA TYR D 151 -23.64 5.30 -42.55
C TYR D 151 -22.32 4.59 -42.26
N PRO D 152 -22.09 4.20 -41.01
CA PRO D 152 -22.96 4.48 -39.87
C PRO D 152 -22.85 5.93 -39.42
N ASP D 153 -23.55 6.26 -38.34
CA ASP D 153 -23.58 7.63 -37.84
C ASP D 153 -22.24 8.13 -37.32
N HIS D 154 -21.21 7.28 -37.32
CA HIS D 154 -19.97 7.64 -36.65
C HIS D 154 -19.23 8.65 -37.50
N VAL D 155 -19.11 9.88 -36.99
CA VAL D 155 -18.41 10.96 -37.67
C VAL D 155 -18.02 12.06 -36.69
N GLU D 156 -17.02 12.86 -37.04
CA GLU D 156 -16.65 14.02 -36.24
C GLU D 156 -16.44 15.25 -37.11
N LEU D 157 -17.30 16.25 -36.92
CA LEU D 157 -17.35 17.42 -37.78
C LEU D 157 -16.65 18.57 -37.10
N SER D 158 -15.55 19.01 -37.69
CA SER D 158 -14.76 20.08 -37.11
C SER D 158 -14.60 21.24 -38.10
N TRP D 159 -14.20 22.40 -37.60
CA TRP D 159 -14.06 23.59 -38.44
C TRP D 159 -12.63 24.09 -38.54
N TRP D 160 -12.31 24.66 -39.69
CA TRP D 160 -10.99 25.26 -39.91
C TRP D 160 -11.08 26.68 -40.45
N VAL D 161 -10.64 27.63 -39.63
CA VAL D 161 -10.59 29.04 -40.02
C VAL D 161 -9.14 29.41 -40.32
N ASN D 162 -8.86 29.77 -41.56
CA ASN D 162 -7.49 30.07 -42.01
C ASN D 162 -6.59 28.85 -41.94
N GLY D 163 -7.19 27.67 -42.03
CA GLY D 163 -6.44 26.42 -41.98
C GLY D 163 -6.16 25.95 -40.56
N LYS D 164 -6.72 26.65 -39.58
CA LYS D 164 -6.59 26.23 -38.18
C LYS D 164 -7.93 26.17 -37.44
N GLU D 165 -8.13 25.09 -36.70
CA GLU D 165 -9.43 24.75 -36.12
C GLU D 165 -9.91 25.72 -35.03
N VAL D 166 -11.21 25.71 -34.79
CA VAL D 166 -11.83 26.65 -33.85
C VAL D 166 -12.86 25.99 -32.95
N HIS D 167 -12.77 26.25 -31.65
CA HIS D 167 -13.76 25.75 -30.69
C HIS D 167 -14.83 26.75 -30.26
N SER D 168 -14.77 27.97 -30.79
CA SER D 168 -15.72 29.00 -30.44
C SER D 168 -16.65 29.36 -31.59
N GLY D 169 -17.91 29.60 -31.28
CA GLY D 169 -18.91 29.93 -32.28
C GLY D 169 -19.44 28.68 -32.93
N VAL D 170 -18.72 27.59 -32.74
CA VAL D 170 -19.11 26.31 -33.31
C VAL D 170 -20.15 25.62 -32.42
N SER D 171 -21.32 25.36 -32.99
CA SER D 171 -22.29 24.48 -32.35
C SER D 171 -22.77 23.41 -33.32
N THR D 172 -22.34 22.17 -33.10
CA THR D 172 -22.85 21.05 -33.88
C THR D 172 -24.13 20.49 -33.27
N ASP D 173 -24.95 19.85 -34.11
CA ASP D 173 -26.10 19.10 -33.62
C ASP D 173 -25.61 17.95 -32.76
N PRO D 174 -26.31 17.66 -31.66
CA PRO D 174 -25.80 16.63 -30.77
C PRO D 174 -25.75 15.24 -31.40
N GLN D 175 -26.89 14.79 -31.92
CA GLN D 175 -27.00 13.46 -32.52
C GLN D 175 -27.42 13.45 -33.99
N PRO D 176 -26.57 12.90 -34.87
CA PRO D 176 -26.92 12.82 -36.29
C PRO D 176 -28.31 12.23 -36.42
N LEU D 177 -29.11 12.71 -37.37
CA LEU D 177 -30.51 12.27 -37.50
C LEU D 177 -30.80 11.39 -38.72
N LYS D 178 -31.75 10.48 -38.55
CA LYS D 178 -32.17 9.57 -39.61
C LYS D 178 -32.87 10.33 -40.75
N GLU D 179 -32.64 9.88 -41.98
CA GLU D 179 -33.37 10.43 -43.13
C GLU D 179 -34.63 9.64 -43.33
N GLN D 180 -34.73 8.53 -42.61
CA GLN D 180 -35.87 7.66 -42.72
C GLN D 180 -36.30 7.19 -41.35
N PRO D 181 -37.12 7.99 -40.64
CA PRO D 181 -37.50 7.49 -39.32
C PRO D 181 -38.51 6.37 -39.48
N ALA D 182 -38.20 5.47 -40.41
CA ALA D 182 -38.91 4.23 -40.62
C ALA D 182 -37.88 3.14 -40.81
N LEU D 183 -37.16 3.24 -41.92
CA LEU D 183 -36.28 2.19 -42.41
C LEU D 183 -35.30 1.67 -41.36
N ASN D 184 -35.17 0.35 -41.30
CA ASN D 184 -34.27 -0.33 -40.39
C ASN D 184 -32.84 0.19 -40.54
N ASP D 185 -32.26 -0.03 -41.72
CA ASP D 185 -30.95 0.53 -42.02
C ASP D 185 -31.16 1.77 -42.86
N SER D 186 -30.95 2.93 -42.24
CA SER D 186 -31.12 4.20 -42.93
C SER D 186 -29.76 4.83 -43.21
N ARG D 187 -29.78 6.03 -43.76
CA ARG D 187 -28.56 6.84 -43.88
C ARG D 187 -28.79 8.11 -43.06
N TYR D 188 -27.71 8.75 -42.59
CA TYR D 188 -27.85 9.85 -41.64
C TYR D 188 -27.43 11.22 -42.18
N SER D 189 -27.62 12.25 -41.34
CA SER D 189 -27.26 13.63 -41.69
C SER D 189 -26.84 14.43 -40.46
N LEU D 190 -25.91 15.36 -40.66
CA LEU D 190 -25.37 16.15 -39.55
C LEU D 190 -25.13 17.60 -39.96
N SER D 191 -25.60 18.54 -39.14
CA SER D 191 -25.52 19.96 -39.47
C SER D 191 -24.83 20.81 -38.40
N SER D 192 -23.70 21.40 -38.76
CA SER D 192 -22.93 22.17 -37.79
C SER D 192 -22.83 23.65 -38.16
N ARG D 193 -22.93 24.51 -37.16
CA ARG D 193 -22.91 25.96 -37.39
C ARG D 193 -21.69 26.65 -36.80
N LEU D 194 -21.14 27.57 -37.57
CA LEU D 194 -20.02 28.40 -37.12
C LEU D 194 -20.35 29.86 -37.35
N ARG D 195 -20.38 30.66 -36.29
CA ARG D 195 -20.74 32.07 -36.41
C ARG D 195 -19.59 33.02 -36.07
N VAL D 196 -19.35 33.99 -36.95
CA VAL D 196 -18.27 34.96 -36.75
C VAL D 196 -18.75 36.39 -36.94
N SER D 197 -17.83 37.33 -36.70
CA SER D 197 -18.14 38.76 -36.81
C SER D 197 -18.49 39.09 -38.24
N ALA D 198 -19.56 39.87 -38.42
CA ALA D 198 -20.11 40.10 -39.74
C ALA D 198 -19.02 40.41 -40.74
N THR D 199 -18.10 41.28 -40.34
CA THR D 199 -17.08 41.72 -41.26
C THR D 199 -15.97 40.69 -41.44
N PHE D 200 -15.79 39.84 -40.43
CA PHE D 200 -14.76 38.81 -40.49
C PHE D 200 -14.98 37.91 -41.69
N TRP D 201 -16.23 37.78 -42.10
CA TRP D 201 -16.56 37.00 -43.28
C TRP D 201 -16.61 37.84 -44.55
N GLN D 202 -16.56 39.17 -44.38
CA GLN D 202 -16.62 40.09 -45.52
C GLN D 202 -15.28 40.28 -46.23
N ASN D 203 -14.19 40.04 -45.50
CA ASN D 203 -12.84 40.07 -46.08
C ASN D 203 -12.52 38.75 -46.78
N PRO D 204 -12.35 38.80 -48.12
CA PRO D 204 -12.08 37.61 -48.95
C PRO D 204 -10.81 36.84 -48.58
N ARG D 205 -9.94 37.45 -47.78
CA ARG D 205 -8.70 36.80 -47.36
C ARG D 205 -8.96 35.57 -46.47
N ASN D 206 -9.87 35.72 -45.51
CA ASN D 206 -10.18 34.65 -44.56
C ASN D 206 -10.53 33.31 -45.22
N HIS D 207 -9.92 32.24 -44.71
CA HIS D 207 -10.06 30.90 -45.27
C HIS D 207 -11.00 30.04 -44.42
N PHE D 208 -12.19 29.73 -44.97
CA PHE D 208 -13.20 28.96 -44.24
C PHE D 208 -13.35 27.55 -44.79
N ARG D 209 -13.03 26.56 -43.98
CA ARG D 209 -13.04 25.17 -44.40
C ARG D 209 -13.81 24.29 -43.42
N CYS D 210 -14.83 23.59 -43.92
CA CYS D 210 -15.59 22.64 -43.10
C CYS D 210 -15.17 21.22 -43.40
N GLN D 211 -15.04 20.41 -42.36
CA GLN D 211 -14.53 19.05 -42.50
C GLN D 211 -15.33 18.00 -41.72
N VAL D 212 -15.41 16.80 -42.30
CA VAL D 212 -16.08 15.66 -41.66
C VAL D 212 -15.20 14.41 -41.71
N GLN D 213 -14.91 13.84 -40.55
CA GLN D 213 -14.15 12.61 -40.47
C GLN D 213 -15.08 11.41 -40.37
N PHE D 214 -15.05 10.54 -41.37
CA PHE D 214 -15.93 9.38 -41.40
C PHE D 214 -15.13 8.11 -41.21
N TYR D 215 -15.47 7.32 -40.20
CA TYR D 215 -14.79 6.05 -40.07
C TYR D 215 -15.75 4.99 -40.60
N GLY D 216 -15.56 4.58 -41.85
CA GLY D 216 -16.29 3.45 -42.38
C GLY D 216 -15.70 2.07 -42.24
N LEU D 217 -14.47 1.92 -42.73
CA LEU D 217 -13.96 0.61 -43.14
C LEU D 217 -12.47 0.61 -43.42
N SER D 218 -11.99 -0.52 -43.92
CA SER D 218 -10.59 -0.71 -44.29
C SER D 218 -10.50 -1.61 -45.51
N GLU D 219 -9.30 -2.07 -45.83
CA GLU D 219 -9.10 -2.93 -47.00
C GLU D 219 -9.68 -4.34 -46.80
N ASN D 220 -9.63 -4.84 -45.57
CA ASN D 220 -10.04 -6.22 -45.27
C ASN D 220 -11.51 -6.51 -45.56
N ASP D 221 -12.29 -5.46 -45.83
CA ASP D 221 -13.69 -5.64 -46.19
C ASP D 221 -13.79 -6.00 -47.66
N GLU D 222 -14.52 -7.06 -47.97
CA GLU D 222 -14.61 -7.57 -49.34
C GLU D 222 -15.57 -6.73 -50.18
N TRP D 223 -15.03 -6.10 -51.22
CA TRP D 223 -15.79 -5.10 -51.96
C TRP D 223 -16.17 -5.55 -53.36
N THR D 224 -17.47 -5.76 -53.54
CA THR D 224 -18.02 -6.15 -54.83
C THR D 224 -18.39 -4.92 -55.67
N GLN D 225 -19.32 -4.12 -55.15
CA GLN D 225 -19.93 -3.04 -55.92
C GLN D 225 -18.89 -2.17 -56.64
N ASP D 226 -19.21 -1.81 -57.87
CA ASP D 226 -18.34 -0.98 -58.72
C ASP D 226 -18.19 0.44 -58.19
N ARG D 227 -19.11 0.83 -57.30
CA ARG D 227 -19.18 2.21 -56.82
C ARG D 227 -18.07 2.53 -55.82
N ALA D 228 -18.21 3.66 -55.13
CA ALA D 228 -17.15 4.18 -54.27
C ALA D 228 -16.80 3.17 -53.18
N LYS D 229 -15.62 3.33 -52.59
CA LYS D 229 -15.04 2.35 -51.68
C LYS D 229 -15.01 2.94 -50.29
N PRO D 230 -16.13 2.80 -49.56
CA PRO D 230 -16.46 3.50 -48.31
C PRO D 230 -15.53 3.14 -47.16
N VAL D 231 -14.32 3.67 -47.17
CA VAL D 231 -13.38 3.46 -46.07
C VAL D 231 -13.13 4.77 -45.35
N THR D 232 -12.36 4.70 -44.26
CA THR D 232 -12.10 5.87 -43.43
C THR D 232 -11.46 6.99 -44.24
N GLN D 233 -12.05 8.18 -44.16
CA GLN D 233 -11.62 9.31 -44.99
C GLN D 233 -12.00 10.66 -44.37
N ILE D 234 -11.61 11.74 -45.05
CA ILE D 234 -12.01 13.08 -44.64
C ILE D 234 -12.62 13.83 -45.83
N VAL D 235 -13.92 14.07 -45.76
CA VAL D 235 -14.61 14.77 -46.84
C VAL D 235 -14.86 16.20 -46.39
N SER D 236 -14.76 17.15 -47.31
CA SER D 236 -14.88 18.56 -46.95
C SER D 236 -15.43 19.44 -48.06
N ALA D 237 -16.14 20.48 -47.66
CA ALA D 237 -16.52 21.55 -48.57
C ALA D 237 -15.86 22.83 -48.07
N GLU D 238 -16.04 23.94 -48.79
CA GLU D 238 -15.30 25.15 -48.48
C GLU D 238 -15.82 26.40 -49.20
N ALA D 239 -15.19 27.53 -48.90
CA ALA D 239 -15.34 28.78 -49.64
C ALA D 239 -14.46 29.81 -48.95
N TRP D 240 -14.11 30.88 -49.66
CA TRP D 240 -13.31 31.94 -49.08
C TRP D 240 -14.24 33.03 -48.56
N GLY D 241 -13.67 34.08 -48.00
CA GLY D 241 -14.46 35.22 -47.59
C GLY D 241 -15.16 35.86 -48.79
N ARG D 242 -16.36 36.36 -48.58
CA ARG D 242 -17.13 36.93 -49.68
C ARG D 242 -17.11 38.45 -49.66
N ALA D 243 -17.05 39.05 -50.86
CA ALA D 243 -17.07 40.49 -51.01
C ALA D 243 -18.48 41.02 -50.81
N ASP D 244 -18.68 42.31 -51.06
CA ASP D 244 -19.98 42.92 -50.79
C ASP D 244 -20.71 43.36 -52.06
N CYS D 245 -21.81 42.68 -52.37
CA CYS D 245 -22.66 43.07 -53.48
C CYS D 245 -23.76 44.00 -52.98
N LYS E 1 26.14 -33.87 36.70
CA LYS E 1 26.24 -34.52 35.41
C LYS E 1 26.37 -33.50 34.29
N LYS E 2 25.49 -33.59 33.29
CA LYS E 2 25.54 -32.71 32.13
C LYS E 2 25.04 -31.32 32.47
N VAL E 3 25.44 -30.34 31.68
CA VAL E 3 25.00 -28.95 31.85
C VAL E 3 24.94 -28.23 30.52
N VAL E 4 23.94 -27.36 30.35
CA VAL E 4 23.83 -26.55 29.15
C VAL E 4 23.68 -25.08 29.51
N LEU E 5 24.31 -24.21 28.74
CA LEU E 5 24.28 -22.78 29.02
C LEU E 5 23.59 -22.02 27.90
N GLY E 6 22.94 -20.92 28.23
CA GLY E 6 22.25 -20.10 27.25
C GLY E 6 22.12 -18.67 27.71
N LYS E 7 22.03 -17.75 26.75
CA LYS E 7 22.03 -16.32 27.03
C LYS E 7 20.65 -15.83 27.40
N LYS E 8 20.57 -14.96 28.39
CA LYS E 8 19.27 -14.44 28.82
C LYS E 8 18.50 -13.92 27.61
N GLY E 9 17.26 -14.36 27.45
CA GLY E 9 16.44 -13.92 26.33
C GLY E 9 16.49 -14.86 25.16
N ASP E 10 17.41 -15.81 25.20
CA ASP E 10 17.52 -16.81 24.14
C ASP E 10 16.56 -17.96 24.37
N THR E 11 16.72 -19.00 23.57
CA THR E 11 15.90 -20.20 23.66
C THR E 11 16.78 -21.44 23.72
N VAL E 12 16.74 -22.15 24.84
CA VAL E 12 17.58 -23.33 25.01
C VAL E 12 16.73 -24.60 24.97
N GLU E 13 17.27 -25.67 24.38
CA GLU E 13 16.54 -26.93 24.36
C GLU E 13 17.41 -28.04 24.93
N LEU E 14 17.05 -28.58 26.09
CA LEU E 14 17.82 -29.66 26.71
C LEU E 14 17.19 -31.05 26.50
N THR E 15 17.91 -31.91 25.80
CA THR E 15 17.36 -33.19 25.37
C THR E 15 17.30 -34.27 26.45
N CYS E 16 16.34 -35.16 26.26
CA CYS E 16 16.13 -36.31 27.11
C CYS E 16 15.72 -37.43 26.17
N THR E 17 16.31 -38.60 26.32
CA THR E 17 16.01 -39.70 25.40
C THR E 17 15.92 -41.06 26.09
N ALA E 18 14.89 -41.82 25.73
CA ALA E 18 14.72 -43.17 26.23
C ALA E 18 15.16 -44.16 25.16
N SER E 19 15.93 -45.18 25.56
CA SER E 19 16.47 -46.17 24.64
C SER E 19 15.40 -46.65 23.66
N GLN E 20 14.37 -47.29 24.20
CA GLN E 20 13.21 -47.67 23.40
C GLN E 20 12.70 -46.45 22.66
N LYS E 21 12.50 -46.59 21.35
CA LYS E 21 11.97 -45.48 20.57
C LYS E 21 10.49 -45.74 20.35
N LYS E 22 9.67 -45.01 21.10
CA LYS E 22 8.22 -45.01 20.95
C LYS E 22 7.70 -43.78 21.69
N SER E 23 6.48 -43.34 21.39
CA SER E 23 5.89 -42.29 22.20
C SER E 23 5.45 -42.91 23.51
N ILE E 24 5.99 -42.40 24.62
CA ILE E 24 5.72 -43.01 25.91
C ILE E 24 5.55 -41.98 27.03
N GLN E 25 5.37 -42.46 28.25
CA GLN E 25 5.16 -41.58 29.39
C GLN E 25 6.42 -40.80 29.74
N PHE E 26 6.25 -39.58 30.27
CA PHE E 26 7.38 -38.75 30.70
C PHE E 26 6.94 -37.44 31.33
N HIS E 27 7.82 -36.85 32.11
CA HIS E 27 7.60 -35.51 32.65
C HIS E 27 8.92 -34.92 33.08
N TRP E 28 8.96 -33.59 33.23
CA TRP E 28 10.17 -32.91 33.66
C TRP E 28 9.99 -32.31 35.05
N LYS E 29 11.08 -32.20 35.78
CA LYS E 29 11.06 -31.64 37.12
C LYS E 29 12.13 -30.58 37.33
N ASN E 30 11.73 -29.44 37.87
CA ASN E 30 12.69 -28.43 38.32
C ASN E 30 13.38 -28.89 39.59
N SER E 31 14.46 -28.22 39.96
CA SER E 31 15.36 -28.71 41.01
C SER E 31 14.59 -29.32 42.18
N ASN E 32 13.79 -28.53 42.88
CA ASN E 32 13.04 -29.13 43.96
C ASN E 32 11.69 -29.61 43.44
N GLN E 33 11.63 -30.89 43.13
CA GLN E 33 10.38 -31.64 43.03
C GLN E 33 9.14 -30.88 42.54
N ILE E 34 9.18 -30.40 41.30
CA ILE E 34 8.01 -29.75 40.73
C ILE E 34 7.82 -30.12 39.27
N LYS E 35 6.63 -30.63 38.96
CA LYS E 35 6.29 -31.02 37.61
C LYS E 35 6.14 -29.79 36.74
N ILE E 36 6.79 -29.79 35.59
CA ILE E 36 6.76 -28.64 34.69
C ILE E 36 5.93 -28.94 33.46
N LEU E 37 6.48 -29.78 32.60
CA LEU E 37 5.83 -30.21 31.37
C LEU E 37 5.56 -31.69 31.47
N GLY E 38 4.48 -32.15 30.84
CA GLY E 38 4.17 -33.56 30.85
C GLY E 38 3.16 -33.98 29.81
N ASN E 39 3.17 -35.27 29.46
CA ASN E 39 2.27 -35.80 28.47
C ASN E 39 1.34 -36.86 29.02
N TYR E 40 0.08 -36.77 28.64
CA TYR E 40 -0.91 -37.77 28.97
C TYR E 40 -1.52 -38.18 27.64
N GLY E 41 -1.27 -39.42 27.23
CA GLY E 41 -1.63 -39.86 25.90
C GLY E 41 -0.93 -39.00 24.87
N SER E 42 -1.69 -38.46 23.91
CA SER E 42 -1.14 -37.55 22.91
C SER E 42 -1.31 -36.11 23.35
N PHE E 43 -1.85 -35.91 24.55
CA PHE E 43 -2.02 -34.60 25.13
C PHE E 43 -0.73 -34.05 25.75
N LEU E 44 -0.65 -32.73 25.83
CA LEU E 44 0.47 -32.07 26.47
C LEU E 44 -0.04 -31.35 27.70
N TRP E 45 0.65 -31.49 28.83
CA TRP E 45 0.27 -30.71 30.01
C TRP E 45 1.41 -29.92 30.63
N LYS E 46 1.17 -28.63 30.85
CA LYS E 46 2.10 -27.77 31.54
C LYS E 46 1.72 -27.74 33.01
N GLY E 47 2.71 -27.86 33.89
CA GLY E 47 2.43 -28.03 35.29
C GLY E 47 2.40 -26.77 36.14
N PRO E 48 2.35 -26.94 37.46
CA PRO E 48 2.32 -25.85 38.44
C PRO E 48 3.56 -24.97 38.35
N SER E 49 4.59 -25.45 37.65
CA SER E 49 5.87 -24.77 37.58
C SER E 49 5.75 -23.31 37.20
N LYS E 50 6.61 -22.48 37.80
CA LYS E 50 6.58 -21.04 37.60
C LYS E 50 6.78 -20.65 36.14
N LEU E 51 7.19 -21.61 35.32
CA LEU E 51 7.46 -21.36 33.92
C LEU E 51 6.21 -21.25 33.06
N ASN E 52 5.10 -21.79 33.54
CA ASN E 52 3.82 -21.62 32.86
C ASN E 52 3.95 -21.91 31.36
N ASP E 53 3.61 -20.91 30.55
CA ASP E 53 3.59 -21.06 29.11
C ASP E 53 4.96 -20.86 28.48
N ARG E 54 5.90 -20.35 29.26
CA ARG E 54 7.24 -20.09 28.73
C ARG E 54 7.92 -21.38 28.27
N ALA E 55 7.39 -22.52 28.71
CA ALA E 55 7.97 -23.82 28.36
C ALA E 55 7.08 -24.60 27.41
N ASP E 56 7.70 -25.40 26.55
CA ASP E 56 6.98 -26.17 25.53
C ASP E 56 7.83 -27.36 25.13
N SER E 57 7.50 -27.98 24.00
CA SER E 57 8.27 -29.11 23.48
C SER E 57 7.78 -29.51 22.09
N ARG E 58 8.58 -30.29 21.38
CA ARG E 58 8.27 -30.60 19.99
C ARG E 58 7.48 -31.90 19.88
N ARG E 59 6.21 -31.80 19.53
CA ARG E 59 5.35 -32.97 19.53
C ARG E 59 5.68 -33.90 18.38
N SER E 60 6.18 -33.34 17.28
CA SER E 60 6.55 -34.15 16.13
C SER E 60 7.71 -35.07 16.48
N LEU E 61 8.53 -34.66 17.45
CA LEU E 61 9.70 -35.43 17.83
C LEU E 61 9.36 -36.52 18.84
N TRP E 62 8.07 -36.64 19.18
CA TRP E 62 7.63 -37.62 20.15
C TRP E 62 7.58 -39.07 19.64
N ASP E 63 7.38 -39.25 18.34
CA ASP E 63 7.27 -40.59 17.78
C ASP E 63 8.41 -41.49 18.23
N GLN E 64 9.62 -41.21 17.74
CA GLN E 64 10.82 -41.85 18.29
C GLN E 64 11.12 -41.24 19.66
N GLY E 65 11.99 -41.90 20.42
CA GLY E 65 12.14 -41.66 21.84
C GLY E 65 12.70 -40.32 22.29
N ASN E 66 12.82 -39.37 21.36
CA ASN E 66 13.24 -38.01 21.73
C ASN E 66 12.10 -37.21 22.38
N PHE E 67 12.33 -36.73 23.60
CA PHE E 67 11.35 -35.93 24.34
C PHE E 67 11.99 -34.69 24.95
N PRO E 68 12.15 -33.65 24.13
CA PRO E 68 12.83 -32.42 24.53
C PRO E 68 11.96 -31.51 25.40
N LEU E 69 12.62 -30.70 26.23
CA LEU E 69 11.97 -29.64 27.00
C LEU E 69 12.59 -28.29 26.65
N ILE E 70 11.83 -27.42 25.99
CA ILE E 70 12.39 -26.13 25.56
C ILE E 70 11.97 -24.98 26.47
N ILE E 71 12.59 -23.82 26.27
CA ILE E 71 12.23 -22.61 27.00
C ILE E 71 12.43 -21.37 26.12
N LYS E 72 11.42 -20.52 26.02
CA LYS E 72 11.56 -19.32 25.18
C LYS E 72 11.81 -18.09 26.04
N ASN E 73 12.74 -17.25 25.60
CA ASN E 73 12.98 -16.00 26.31
C ASN E 73 13.33 -16.25 27.78
N LEU E 74 14.54 -16.73 28.04
CA LEU E 74 14.90 -17.10 29.40
C LEU E 74 14.99 -15.89 30.31
N LYS E 75 15.27 -16.15 31.58
CA LYS E 75 15.58 -15.13 32.55
C LYS E 75 16.68 -15.72 33.40
N ILE E 76 17.33 -14.91 34.22
CA ILE E 76 18.38 -15.45 35.07
C ILE E 76 17.83 -16.56 35.97
N GLU E 77 16.69 -16.30 36.60
CA GLU E 77 16.12 -17.23 37.58
C GLU E 77 15.82 -18.61 37.00
N ASP E 78 15.69 -18.71 35.68
CA ASP E 78 15.44 -19.98 35.02
C ASP E 78 16.56 -20.97 35.28
N SER E 79 17.72 -20.46 35.68
CA SER E 79 18.87 -21.33 35.94
C SER E 79 18.52 -22.30 37.04
N ASP E 80 18.68 -23.59 36.77
CA ASP E 80 18.38 -24.62 37.75
C ASP E 80 18.89 -26.00 37.31
N THR E 81 18.73 -26.99 38.17
CA THR E 81 19.07 -28.35 37.82
C THR E 81 17.79 -29.06 37.43
N TYR E 82 17.67 -29.43 36.17
CA TYR E 82 16.45 -30.04 35.65
C TYR E 82 16.52 -31.58 35.61
N ILE E 83 15.43 -32.23 35.99
CA ILE E 83 15.38 -33.69 35.86
C ILE E 83 14.57 -34.04 34.61
N CYS E 84 14.64 -35.29 34.18
CA CYS E 84 13.72 -35.82 33.19
C CYS E 84 13.43 -37.28 33.52
N GLU E 85 12.17 -37.64 33.67
CA GLU E 85 11.83 -39.01 34.03
C GLU E 85 11.06 -39.72 32.92
N VAL E 86 11.73 -40.68 32.29
CA VAL E 86 11.13 -41.46 31.21
C VAL E 86 11.55 -42.94 31.28
N GLU E 87 10.56 -43.83 31.17
CA GLU E 87 10.79 -45.28 31.28
C GLU E 87 11.72 -45.63 32.45
N ASP E 88 11.48 -45.00 33.59
CA ASP E 88 12.34 -45.16 34.75
C ASP E 88 13.76 -44.73 34.45
N GLN E 89 13.95 -43.43 34.26
CA GLN E 89 15.27 -42.88 34.02
C GLN E 89 15.37 -41.52 34.70
N LYS E 90 16.52 -41.27 35.32
CA LYS E 90 16.75 -40.04 36.07
C LYS E 90 17.49 -38.95 35.27
N GLU E 91 17.63 -39.13 33.96
CA GLU E 91 18.60 -38.34 33.21
C GLU E 91 18.53 -36.88 33.58
N GLU E 92 19.69 -36.33 33.90
CA GLU E 92 19.80 -35.02 34.51
C GLU E 92 20.33 -34.00 33.53
N VAL E 93 20.48 -32.78 34.02
CA VAL E 93 20.95 -31.67 33.21
C VAL E 93 20.92 -30.43 34.11
N GLN E 94 21.67 -29.39 33.72
CA GLN E 94 21.60 -28.13 34.45
C GLN E 94 21.75 -26.95 33.54
N LEU E 95 20.97 -25.92 33.83
CA LEU E 95 20.94 -24.73 33.01
C LEU E 95 21.55 -23.56 33.76
N LEU E 96 22.58 -22.95 33.17
CA LEU E 96 23.16 -21.71 33.68
C LEU E 96 22.99 -20.61 32.64
N VAL E 97 22.32 -19.53 33.02
CA VAL E 97 22.10 -18.41 32.12
C VAL E 97 22.90 -17.19 32.55
N PHE E 98 23.32 -16.39 31.59
CA PHE E 98 24.10 -15.18 31.88
C PHE E 98 23.60 -14.06 31.01
N GLY E 99 24.02 -12.83 31.32
CA GLY E 99 23.72 -11.70 30.47
C GLY E 99 24.79 -10.64 30.56
N LEU E 100 24.93 -9.86 29.49
CA LEU E 100 25.95 -8.84 29.40
C LEU E 100 25.36 -7.53 28.91
N THR E 101 25.60 -6.47 29.68
CA THR E 101 25.09 -5.15 29.32
C THR E 101 26.17 -4.09 29.43
N ALA E 102 26.12 -3.13 28.52
CA ALA E 102 26.90 -1.91 28.66
C ALA E 102 26.25 -1.01 29.72
N ASN E 103 27.02 -0.07 30.24
CA ASN E 103 26.45 0.96 31.10
C ASN E 103 25.55 1.91 30.31
N SER E 104 25.93 2.21 29.07
CA SER E 104 25.10 3.06 28.21
C SER E 104 25.12 2.65 26.73
N ASP E 105 23.93 2.66 26.15
CA ASP E 105 23.72 2.20 24.78
C ASP E 105 24.25 3.23 23.78
N THR E 106 24.00 4.49 24.08
CA THR E 106 24.44 5.58 23.21
C THR E 106 25.92 5.40 22.90
N HIS E 107 26.31 5.75 21.68
CA HIS E 107 27.70 5.72 21.27
C HIS E 107 28.55 6.60 22.19
N LEU E 108 29.58 5.99 22.75
CA LEU E 108 30.59 6.69 23.55
C LEU E 108 31.54 7.49 22.66
N LEU E 109 32.29 8.40 23.29
CA LEU E 109 33.21 9.28 22.57
C LEU E 109 34.67 9.06 23.00
N GLN E 110 35.60 9.57 22.20
CA GLN E 110 37.01 9.26 22.35
C GLN E 110 37.42 9.39 23.82
N GLY E 111 38.14 8.39 24.33
CA GLY E 111 38.73 8.54 25.65
C GLY E 111 37.81 8.39 26.84
N GLN E 112 36.57 7.99 26.58
CA GLN E 112 35.62 7.77 27.64
C GLN E 112 35.44 6.30 27.94
N SER E 113 35.33 5.98 29.23
CA SER E 113 35.33 4.60 29.68
C SER E 113 34.05 3.84 29.29
N LEU E 114 34.16 2.52 29.20
CA LEU E 114 33.02 1.64 28.93
C LEU E 114 32.99 0.45 29.90
N THR E 115 31.99 0.39 30.76
CA THR E 115 31.93 -0.63 31.80
C THR E 115 30.93 -1.73 31.50
N LEU E 116 31.44 -2.91 31.16
CA LEU E 116 30.61 -4.07 30.81
C LEU E 116 30.26 -4.92 32.02
N THR E 117 28.98 -5.02 32.31
CA THR E 117 28.48 -5.69 33.50
C THR E 117 27.85 -7.05 33.19
N LEU E 118 28.38 -8.08 33.84
CA LEU E 118 27.95 -9.46 33.64
C LEU E 118 26.90 -9.84 34.67
N GLU E 119 25.83 -10.49 34.22
CA GLU E 119 24.78 -10.94 35.14
C GLU E 119 24.88 -12.44 35.39
N SER E 120 25.34 -12.79 36.58
CA SER E 120 25.45 -14.18 37.01
C SER E 120 24.21 -14.65 37.76
N PRO E 121 23.84 -15.92 37.58
CA PRO E 121 22.80 -16.59 38.36
C PRO E 121 23.34 -17.02 39.72
N PRO E 122 22.48 -17.13 40.73
CA PRO E 122 22.93 -17.70 42.00
C PRO E 122 23.59 -19.06 41.76
N GLY E 123 24.70 -19.30 42.44
CA GLY E 123 25.41 -20.57 42.31
C GLY E 123 26.19 -20.71 41.03
N SER E 124 26.95 -19.67 40.69
CA SER E 124 27.82 -19.72 39.52
C SER E 124 29.18 -19.12 39.84
N SER E 125 30.18 -19.51 39.07
CA SER E 125 31.53 -19.00 39.27
C SER E 125 32.22 -18.77 37.92
N PRO E 126 31.71 -17.82 37.13
CA PRO E 126 32.22 -17.61 35.78
C PRO E 126 33.30 -16.55 35.71
N SER E 127 33.87 -16.36 34.52
CA SER E 127 34.81 -15.29 34.24
C SER E 127 34.48 -14.73 32.85
N VAL E 128 35.21 -13.72 32.39
CA VAL E 128 34.90 -13.09 31.11
C VAL E 128 36.12 -12.98 30.18
N GLN E 129 35.93 -12.38 29.01
CA GLN E 129 37.00 -12.08 28.05
C GLN E 129 36.42 -11.36 26.84
N CYS E 130 37.24 -10.60 26.13
CA CYS E 130 36.75 -9.83 24.98
C CYS E 130 37.72 -9.73 23.80
N ARG E 131 37.24 -10.07 22.61
CA ARG E 131 37.98 -9.88 21.37
C ARG E 131 37.53 -8.54 20.77
N SER E 132 38.41 -7.55 20.79
CA SER E 132 38.05 -6.21 20.30
C SER E 132 37.93 -6.23 18.77
N PRO E 133 37.53 -5.09 18.18
CA PRO E 133 37.43 -5.06 16.72
C PRO E 133 38.80 -5.17 16.05
N ARG E 134 39.83 -4.66 16.72
CA ARG E 134 41.16 -4.63 16.14
C ARG E 134 41.95 -5.90 16.47
N GLY E 135 41.29 -6.84 17.15
CA GLY E 135 41.93 -8.07 17.55
C GLY E 135 42.43 -8.02 18.98
N LYS E 136 42.60 -6.80 19.49
CA LYS E 136 43.05 -6.58 20.86
C LYS E 136 42.17 -7.34 21.84
N ASN E 137 42.81 -8.11 22.73
CA ASN E 137 42.08 -8.95 23.66
C ASN E 137 42.32 -8.60 25.12
N ILE E 138 41.28 -8.12 25.79
CA ILE E 138 41.38 -7.76 27.20
C ILE E 138 40.64 -8.78 28.07
N GLN E 139 41.32 -9.31 29.08
CA GLN E 139 40.72 -10.31 29.96
C GLN E 139 40.03 -9.68 31.18
N GLY E 140 38.77 -10.03 31.36
CA GLY E 140 37.91 -9.45 32.37
C GLY E 140 37.85 -10.24 33.67
N GLY E 141 36.65 -10.27 34.26
CA GLY E 141 36.43 -10.89 35.56
C GLY E 141 34.94 -10.84 35.86
N LYS E 142 34.60 -10.90 37.15
CA LYS E 142 33.22 -10.73 37.58
C LYS E 142 32.57 -9.53 36.86
N THR E 143 33.34 -8.47 36.69
CA THR E 143 32.93 -7.35 35.84
C THR E 143 34.17 -6.74 35.18
N LEU E 144 34.06 -6.40 33.89
CA LEU E 144 35.21 -5.88 33.15
C LEU E 144 34.91 -4.57 32.44
N SER E 145 35.90 -3.66 32.45
CA SER E 145 35.77 -2.36 31.82
C SER E 145 37.00 -2.02 31.01
N VAL E 146 36.78 -1.43 29.85
CA VAL E 146 37.88 -0.89 29.07
C VAL E 146 37.75 0.64 28.99
N SER E 147 38.61 1.34 29.72
CA SER E 147 38.59 2.80 29.77
C SER E 147 39.27 3.43 28.57
N GLN E 148 38.89 4.67 28.26
CA GLN E 148 39.56 5.45 27.22
C GLN E 148 39.54 4.73 25.87
N LEU E 149 38.34 4.61 25.31
CA LEU E 149 38.13 3.95 24.03
C LEU E 149 38.92 4.64 22.93
N GLU E 150 39.66 3.85 22.15
CA GLU E 150 40.31 4.37 20.95
C GLU E 150 39.36 4.24 19.77
N LEU E 151 39.38 5.23 18.88
CA LEU E 151 38.57 5.17 17.67
C LEU E 151 38.91 3.90 16.91
N GLN E 152 40.13 3.41 17.14
CA GLN E 152 40.62 2.19 16.51
C GLN E 152 39.90 0.98 17.09
N ASP E 153 39.47 1.10 18.34
CA ASP E 153 38.81 0.02 19.05
C ASP E 153 37.29 0.06 18.84
N SER E 154 36.83 0.96 17.99
CA SER E 154 35.39 1.12 17.75
C SER E 154 34.87 0.14 16.71
N GLY E 155 33.94 -0.72 17.12
CA GLY E 155 33.39 -1.74 16.25
C GLY E 155 32.71 -2.84 17.03
N THR E 156 32.42 -3.95 16.36
CA THR E 156 31.71 -5.05 17.01
C THR E 156 32.66 -5.88 17.86
N TRP E 157 32.39 -5.93 19.16
CA TRP E 157 33.22 -6.72 20.06
C TRP E 157 32.65 -8.12 20.16
N THR E 158 33.37 -9.00 20.84
CA THR E 158 32.87 -10.34 21.13
C THR E 158 33.27 -10.74 22.55
N CYS E 159 32.29 -11.04 23.38
CA CYS E 159 32.57 -11.36 24.78
C CYS E 159 32.33 -12.83 25.12
N THR E 160 33.29 -13.41 25.83
CA THR E 160 33.26 -14.83 26.13
C THR E 160 33.19 -15.11 27.62
N VAL E 161 32.10 -15.74 28.06
CA VAL E 161 32.04 -16.27 29.42
C VAL E 161 32.39 -17.75 29.37
N LEU E 162 33.09 -18.24 30.38
CA LEU E 162 33.53 -19.62 30.39
C LEU E 162 33.12 -20.36 31.66
N GLN E 163 32.35 -21.41 31.47
CA GLN E 163 31.86 -22.24 32.57
C GLN E 163 31.83 -23.69 32.14
N ASN E 164 32.36 -24.57 32.98
CA ASN E 164 32.32 -26.00 32.71
C ASN E 164 32.75 -26.32 31.28
N GLN E 165 33.74 -25.59 30.80
CA GLN E 165 34.34 -25.85 29.48
C GLN E 165 33.36 -25.72 28.31
N LYS E 166 32.45 -24.76 28.39
CA LYS E 166 31.49 -24.54 27.31
C LYS E 166 31.32 -23.05 27.03
N LYS E 167 31.55 -22.67 25.77
CA LYS E 167 31.55 -21.26 25.39
C LYS E 167 30.15 -20.66 25.32
N VAL E 168 30.05 -19.35 25.53
CA VAL E 168 28.79 -18.62 25.37
C VAL E 168 29.02 -17.28 24.65
N GLU E 169 28.24 -17.05 23.59
CA GLU E 169 28.49 -15.93 22.67
C GLU E 169 27.84 -14.61 23.09
N PHE E 170 28.60 -13.54 23.05
CA PHE E 170 28.05 -12.20 23.23
C PHE E 170 28.67 -11.18 22.25
N LYS E 171 27.84 -10.60 21.39
CA LYS E 171 28.32 -9.57 20.48
C LYS E 171 27.64 -8.23 20.72
N ILE E 172 28.46 -7.19 20.92
CA ILE E 172 27.94 -5.83 21.13
C ILE E 172 28.65 -4.81 20.23
N ASP E 173 27.88 -4.04 19.47
CA ASP E 173 28.43 -3.01 18.60
C ASP E 173 28.79 -1.76 19.40
N ILE E 174 29.81 -1.03 18.95
CA ILE E 174 30.26 0.19 19.64
C ILE E 174 30.45 1.47 18.79
N VAL E 175 31.36 1.43 17.82
CA VAL E 175 31.57 2.55 16.90
C VAL E 175 31.56 3.92 17.62
N VAL E 176 32.63 4.17 18.37
CA VAL E 176 32.89 5.45 19.02
C VAL E 176 32.87 6.67 18.09
N LEU E 177 32.19 7.74 18.51
CA LEU E 177 32.19 9.01 17.79
C LEU E 177 33.44 9.84 18.08
N ALA E 178 33.86 10.70 17.14
CA ALA E 178 35.09 11.47 17.30
C ALA E 178 35.50 12.40 16.16
N PHE E 179 36.61 13.10 16.36
CA PHE E 179 37.27 13.96 15.37
C PHE E 179 38.39 13.20 14.65
N GLN E 180 38.49 13.33 13.34
CA GLN E 180 39.61 12.73 12.60
C GLN E 180 40.90 13.43 12.99
N LYS E 181 40.73 14.69 13.34
CA LYS E 181 41.77 15.64 13.74
C LYS E 181 42.19 15.46 15.21
N ALA E 182 42.54 16.58 15.85
CA ALA E 182 43.32 16.65 17.11
C ALA E 182 44.75 17.12 16.91
N SER E 183 45.17 17.34 15.67
CA SER E 183 46.16 18.37 15.40
C SER E 183 45.82 19.06 14.09
N SER E 184 45.62 20.37 14.13
CA SER E 184 45.37 21.10 12.89
C SER E 184 46.22 22.36 12.84
N ILE E 185 47.13 22.42 11.87
CA ILE E 185 48.08 23.51 11.78
C ILE E 185 48.03 24.16 10.40
N VAL E 186 47.90 25.48 10.37
CA VAL E 186 47.82 26.21 9.11
C VAL E 186 48.72 27.45 9.12
N TYR E 187 49.62 27.53 8.14
CA TYR E 187 50.57 28.64 8.01
C TYR E 187 50.15 29.56 6.86
N LYS E 188 50.03 30.86 7.12
CA LYS E 188 49.61 31.80 6.06
C LYS E 188 50.37 33.14 6.07
N LYS E 189 50.07 33.98 5.08
CA LYS E 189 50.71 35.30 4.91
C LYS E 189 50.04 36.36 5.79
N GLU E 190 50.41 37.62 5.59
CA GLU E 190 49.76 38.71 6.32
C GLU E 190 48.41 39.12 5.72
N GLY E 191 48.25 38.94 4.42
CA GLY E 191 46.99 39.28 3.77
C GLY E 191 46.12 38.08 3.43
N GLU E 192 46.71 36.89 3.48
CA GLU E 192 46.04 35.67 3.02
C GLU E 192 44.97 35.19 4.00
N GLN E 193 43.84 34.75 3.46
CA GLN E 193 42.76 34.20 4.27
C GLN E 193 43.15 32.84 4.85
N VAL E 194 42.62 32.53 6.02
CA VAL E 194 42.87 31.26 6.67
C VAL E 194 41.56 30.63 7.10
N GLU E 195 41.38 29.36 6.77
CA GLU E 195 40.20 28.62 7.20
C GLU E 195 40.48 27.13 7.34
N PHE E 196 39.70 26.49 8.20
CA PHE E 196 39.83 25.06 8.47
C PHE E 196 38.47 24.47 8.79
N SER E 197 38.36 23.15 8.69
CA SER E 197 37.14 22.46 9.11
C SER E 197 37.53 21.21 9.87
N PHE E 198 36.52 20.48 10.35
CA PHE E 198 36.80 19.27 11.09
C PHE E 198 35.84 18.11 10.77
N PRO E 199 36.40 16.90 10.63
CA PRO E 199 35.79 15.59 10.37
C PRO E 199 35.19 14.90 11.59
N LEU E 200 34.29 13.95 11.37
CA LEU E 200 33.62 13.23 12.46
C LEU E 200 33.31 11.76 12.10
N ALA E 201 32.48 11.12 12.93
CA ALA E 201 32.07 9.73 12.71
C ALA E 201 30.76 9.60 11.92
N PHE E 202 30.17 10.74 11.58
CA PHE E 202 29.17 10.84 10.52
C PHE E 202 27.92 9.96 10.56
N THR E 203 26.98 10.26 11.45
CA THR E 203 25.62 9.73 11.30
C THR E 203 24.57 10.84 11.33
N VAL E 204 23.33 10.48 11.06
CA VAL E 204 22.21 11.43 10.98
C VAL E 204 21.89 12.20 12.27
N GLU E 205 21.37 11.47 13.24
CA GLU E 205 20.88 11.99 14.51
C GLU E 205 19.87 13.15 14.36
N LYS E 206 19.91 14.07 15.32
CA LYS E 206 19.10 15.29 15.34
C LYS E 206 19.28 15.97 16.70
N LEU E 207 18.93 17.25 16.81
CA LEU E 207 18.90 17.94 18.09
C LEU E 207 20.16 17.66 18.90
N THR E 208 21.29 17.48 18.21
CA THR E 208 22.49 16.97 18.87
C THR E 208 23.45 18.05 19.36
N GLY E 209 23.50 18.24 20.67
CA GLY E 209 24.53 19.04 21.34
C GLY E 209 24.77 20.49 20.95
N SER E 210 26.00 20.93 21.20
CA SER E 210 26.46 22.28 20.93
C SER E 210 27.98 22.25 20.85
N GLY E 211 28.61 23.42 20.73
CA GLY E 211 30.06 23.49 20.66
C GLY E 211 30.66 24.88 20.55
N GLU E 212 32.00 24.95 20.61
CA GLU E 212 32.69 26.24 20.56
C GLU E 212 34.21 26.11 20.63
N LEU E 213 34.90 27.18 20.19
CA LEU E 213 36.36 27.20 20.07
C LEU E 213 36.96 28.31 20.91
N TRP E 214 37.90 27.95 21.79
CA TRP E 214 38.43 28.92 22.74
C TRP E 214 39.89 29.28 22.49
N TRP E 215 40.09 30.55 22.12
CA TRP E 215 41.33 31.06 21.50
C TRP E 215 42.51 31.27 22.46
N GLN E 216 43.71 31.07 21.93
CA GLN E 216 44.94 31.48 22.59
C GLN E 216 45.70 32.34 21.60
N ALA E 217 46.63 33.14 22.10
CA ALA E 217 47.46 33.96 21.21
C ALA E 217 48.85 34.14 21.81
N GLU E 218 49.72 34.80 21.05
CA GLU E 218 51.02 35.18 21.57
C GLU E 218 50.89 36.57 22.18
N ARG E 219 50.69 37.56 21.33
CA ARG E 219 50.51 38.94 21.76
C ARG E 219 49.27 39.06 22.64
N ALA E 220 49.38 39.81 23.74
CA ALA E 220 48.24 40.00 24.65
C ALA E 220 47.69 38.70 25.26
N SER E 221 48.40 38.15 26.24
CA SER E 221 47.97 36.93 26.93
C SER E 221 46.71 37.21 27.74
N SER E 222 46.26 36.24 28.54
CA SER E 222 44.92 36.26 29.12
C SER E 222 43.89 36.06 28.02
N SER E 223 44.23 35.16 27.10
CA SER E 223 43.41 34.83 25.93
C SER E 223 41.98 34.44 26.28
N LYS E 224 41.01 35.01 25.58
CA LYS E 224 39.60 34.73 25.87
C LYS E 224 38.83 34.21 24.65
N SER E 225 38.45 35.14 23.76
CA SER E 225 37.85 34.81 22.47
C SER E 225 36.83 33.66 22.47
N TRP E 226 35.62 33.90 22.97
CA TRP E 226 34.60 32.87 22.99
C TRP E 226 34.48 32.07 21.66
N ILE E 227 34.00 32.71 20.60
CA ILE E 227 33.81 32.05 19.29
C ILE E 227 32.92 30.79 19.31
N THR E 228 31.69 30.95 19.81
CA THR E 228 30.80 29.82 20.10
C THR E 228 29.72 29.55 19.06
N PHE E 229 29.38 28.28 18.87
CA PHE E 229 28.28 27.90 17.99
C PHE E 229 27.35 26.85 18.61
N ASP E 230 26.27 26.52 17.90
CA ASP E 230 25.34 25.51 18.35
C ASP E 230 24.97 24.62 17.18
N LEU E 231 25.27 23.33 17.28
CA LEU E 231 24.93 22.41 16.20
C LEU E 231 23.69 21.59 16.54
N LYS E 232 22.70 21.60 15.66
CA LYS E 232 21.54 20.72 15.77
C LYS E 232 21.10 20.19 14.40
N ASN E 233 21.00 18.87 14.29
CA ASN E 233 20.58 18.22 13.04
C ASN E 233 21.27 18.78 11.80
N LYS E 234 22.58 19.00 11.90
CA LYS E 234 23.41 19.48 10.79
C LYS E 234 23.36 21.00 10.62
N GLU E 235 22.55 21.68 11.43
CA GLU E 235 22.46 23.13 11.39
C GLU E 235 23.47 23.76 12.34
N VAL E 236 24.37 24.58 11.81
CA VAL E 236 25.42 25.20 12.63
C VAL E 236 25.00 26.49 13.33
N SER E 237 24.61 27.52 12.58
CA SER E 237 23.81 28.58 13.20
C SER E 237 24.49 29.28 14.38
N VAL E 238 25.39 30.20 14.09
CA VAL E 238 26.30 30.76 15.09
C VAL E 238 25.65 31.17 16.42
N LYS E 239 26.38 30.87 17.50
CA LYS E 239 25.94 31.02 18.90
C LYS E 239 26.29 32.36 19.58
N ARG E 240 26.58 33.40 18.80
CA ARG E 240 27.25 34.62 19.26
C ARG E 240 28.75 34.47 19.50
N VAL E 241 29.48 34.42 18.38
CA VAL E 241 30.94 34.43 18.34
C VAL E 241 31.50 35.85 18.61
N THR E 242 32.82 35.95 18.72
CA THR E 242 33.53 37.19 19.05
C THR E 242 33.67 38.18 17.90
N GLN E 243 33.90 39.43 18.25
CA GLN E 243 34.16 40.46 17.25
C GLN E 243 35.63 40.75 17.01
N ASP E 244 36.54 40.12 17.75
CA ASP E 244 37.95 40.48 17.58
C ASP E 244 38.41 40.23 16.16
N PRO E 245 38.45 38.95 15.71
CA PRO E 245 38.64 38.86 14.26
C PRO E 245 37.34 38.66 13.46
N LYS E 246 36.25 39.31 13.83
CA LYS E 246 35.11 39.53 12.92
C LYS E 246 34.90 38.41 11.88
N LEU E 247 34.51 37.21 12.31
CA LEU E 247 34.44 36.07 11.40
C LEU E 247 33.03 35.48 11.22
N GLN E 248 32.91 34.50 10.33
CA GLN E 248 31.61 33.89 10.05
C GLN E 248 31.64 32.36 10.12
N MET E 249 30.46 31.76 10.27
CA MET E 249 30.33 30.33 10.53
C MET E 249 30.33 29.45 9.29
N GLY E 250 29.40 29.68 8.37
CA GLY E 250 29.13 28.67 7.37
C GLY E 250 28.36 27.54 8.00
N LYS E 251 27.18 27.88 8.49
CA LYS E 251 26.28 26.93 9.14
C LYS E 251 25.89 25.85 8.16
N LYS E 252 25.30 24.75 8.66
CA LYS E 252 25.26 23.48 7.92
C LYS E 252 26.63 22.81 7.78
N LEU E 253 27.07 22.20 8.88
CA LEU E 253 28.32 21.43 8.93
C LEU E 253 28.38 20.45 7.76
N PRO E 254 29.60 20.20 7.24
CA PRO E 254 30.93 20.48 7.81
C PRO E 254 31.09 21.90 8.30
N LEU E 255 31.80 22.03 9.42
CA LEU E 255 31.96 23.31 10.10
C LEU E 255 33.24 24.02 9.65
N HIS E 256 33.08 25.11 8.91
CA HIS E 256 34.22 25.86 8.40
C HIS E 256 34.35 27.19 9.12
N LEU E 257 35.38 27.31 9.95
CA LEU E 257 35.65 28.59 10.59
C LEU E 257 36.31 29.52 9.58
N THR E 258 35.67 30.67 9.36
CA THR E 258 36.11 31.60 8.34
C THR E 258 36.87 32.77 8.96
N LEU E 259 37.90 33.26 8.28
CA LEU E 259 38.58 34.47 8.71
C LEU E 259 38.78 35.43 7.53
N PRO E 260 38.55 36.73 7.76
CA PRO E 260 38.77 37.73 6.70
C PRO E 260 40.23 37.82 6.25
N GLN E 261 41.13 37.91 7.22
CA GLN E 261 42.55 38.00 6.95
C GLN E 261 43.34 37.45 8.13
N ALA E 262 44.56 37.00 7.88
CA ALA E 262 45.43 36.53 8.95
C ALA E 262 46.35 37.67 9.40
N LEU E 263 46.13 38.18 10.61
CA LEU E 263 46.90 39.30 11.12
C LEU E 263 48.00 38.80 12.06
N PRO E 264 48.85 39.72 12.57
CA PRO E 264 49.93 39.26 13.45
C PRO E 264 49.46 38.65 14.78
N GLN E 265 48.48 39.27 15.42
CA GLN E 265 48.06 38.85 16.75
C GLN E 265 47.23 37.57 16.73
N TYR E 266 46.49 37.36 15.64
CA TYR E 266 45.61 36.20 15.52
C TYR E 266 46.43 34.92 15.53
N ALA E 267 47.75 35.07 15.53
CA ALA E 267 48.66 33.94 15.66
C ALA E 267 48.61 33.36 17.07
N GLY E 268 48.43 32.05 17.14
CA GLY E 268 48.32 31.34 18.41
C GLY E 268 47.75 29.95 18.16
N SER E 269 47.33 29.27 19.22
CA SER E 269 46.78 27.94 19.03
C SER E 269 45.34 27.74 19.52
N GLY E 270 45.17 27.55 20.82
CA GLY E 270 43.87 27.21 21.37
C GLY E 270 43.35 25.83 20.96
N ASN E 271 42.20 25.43 21.47
CA ASN E 271 41.58 24.15 21.10
C ASN E 271 40.05 24.19 20.95
N LEU E 272 39.51 23.33 20.08
CA LEU E 272 38.09 23.28 19.79
C LEU E 272 37.44 22.16 20.57
N THR E 273 36.26 22.41 21.13
CA THR E 273 35.55 21.41 21.91
C THR E 273 34.13 21.15 21.43
N LEU E 274 33.74 19.87 21.39
CA LEU E 274 32.39 19.47 20.96
C LEU E 274 31.64 18.73 22.09
N ALA E 275 30.34 19.00 22.21
CA ALA E 275 29.47 18.25 23.12
C ALA E 275 28.19 17.87 22.39
N LEU E 276 27.50 16.85 22.90
CA LEU E 276 26.29 16.35 22.23
C LEU E 276 25.20 15.94 23.22
N GLU E 277 23.96 15.83 22.74
CA GLU E 277 22.82 15.50 23.61
C GLU E 277 23.05 14.15 24.32
N ALA E 278 23.80 13.26 23.68
CA ALA E 278 24.28 12.06 24.36
C ALA E 278 25.42 12.55 25.22
N LYS E 279 25.26 12.40 26.53
CA LYS E 279 26.09 13.12 27.50
C LYS E 279 27.50 12.56 27.63
N THR E 280 28.25 13.04 28.62
CA THR E 280 29.70 12.81 28.66
C THR E 280 30.40 13.43 27.44
N GLY E 281 30.51 14.77 27.47
CA GLY E 281 30.88 15.62 26.35
C GLY E 281 32.33 15.99 26.03
N LYS E 282 33.29 15.14 26.37
CA LYS E 282 34.70 15.53 26.32
C LYS E 282 35.32 15.55 24.91
N LEU E 283 34.54 15.24 23.89
CA LEU E 283 35.04 15.28 22.50
C LEU E 283 35.62 16.65 22.12
N HIS E 284 36.87 16.69 21.67
CA HIS E 284 37.53 17.96 21.31
C HIS E 284 38.71 17.75 20.37
N GLN E 285 39.15 18.80 19.66
CA GLN E 285 40.39 18.65 18.89
C GLN E 285 41.50 19.67 19.17
N GLU E 286 41.56 20.75 18.40
CA GLU E 286 42.50 21.87 18.61
C GLU E 286 42.66 22.69 17.32
N VAL E 287 43.41 23.78 17.36
CA VAL E 287 43.79 24.49 16.13
C VAL E 287 45.14 25.19 16.27
N ASN E 288 45.88 25.28 15.16
CA ASN E 288 47.17 25.96 15.15
C ASN E 288 47.35 26.89 13.94
N LEU E 289 47.57 28.17 14.21
CA LEU E 289 47.76 29.14 13.13
C LEU E 289 48.99 30.02 13.36
N VAL E 290 49.85 30.12 12.35
CA VAL E 290 51.06 30.97 12.40
C VAL E 290 51.14 31.95 11.19
N VAL E 291 51.57 33.18 11.46
CA VAL E 291 51.58 34.23 10.43
C VAL E 291 52.96 34.84 10.19
N MET E 292 53.25 35.22 8.95
CA MET E 292 54.53 35.85 8.57
C MET E 292 54.34 37.21 7.90
N ARG E 293 55.23 38.14 8.20
CA ARG E 293 55.18 39.49 7.62
C ARG E 293 56.48 39.85 6.87
N ALA E 294 56.36 40.20 5.60
CA ALA E 294 57.53 40.52 4.78
C ALA E 294 57.85 42.03 4.64
N THR E 295 57.07 42.89 5.31
CA THR E 295 57.19 44.34 5.07
C THR E 295 58.60 44.89 5.26
N GLN E 296 59.09 45.57 4.24
CA GLN E 296 60.42 46.18 4.26
C GLN E 296 60.33 47.71 4.16
N LEU E 297 60.67 48.38 5.26
CA LEU E 297 60.63 49.84 5.28
C LEU E 297 62.03 50.43 5.19
N GLN E 298 62.23 51.33 4.23
CA GLN E 298 63.52 51.95 4.00
C GLN E 298 64.58 50.90 3.69
N LYS E 299 65.66 50.93 4.47
CA LYS E 299 66.76 49.99 4.30
C LYS E 299 66.48 48.65 4.98
N ASN E 300 65.68 48.66 6.05
CA ASN E 300 65.42 47.46 6.84
C ASN E 300 64.44 46.50 6.17
N LEU E 301 64.86 45.24 6.05
CA LEU E 301 64.06 44.21 5.38
C LEU E 301 63.15 43.42 6.34
N THR E 302 63.03 43.89 7.58
CA THR E 302 62.63 43.03 8.68
C THR E 302 61.45 42.12 8.32
N CYS E 303 61.64 40.84 8.61
CA CYS E 303 60.66 39.80 8.31
C CYS E 303 60.60 38.84 9.51
N GLU E 304 59.42 38.65 10.08
CA GLU E 304 59.27 37.82 11.29
C GLU E 304 58.03 36.92 11.31
N VAL E 305 58.08 35.89 12.14
CA VAL E 305 57.01 34.89 12.21
C VAL E 305 56.42 34.76 13.62
N TRP E 306 55.10 34.60 13.69
CA TRP E 306 54.39 34.40 14.95
C TRP E 306 53.80 32.99 14.98
N GLY E 307 53.10 32.64 16.06
CA GLY E 307 52.48 31.32 16.15
C GLY E 307 53.34 30.33 16.90
N PRO E 308 52.80 29.13 17.17
CA PRO E 308 53.57 28.14 17.94
C PRO E 308 54.88 27.71 17.26
N THR E 309 54.82 27.28 16.00
CA THR E 309 56.04 27.00 15.24
C THR E 309 57.12 26.29 16.05
N SER E 310 56.94 25.00 16.32
CA SER E 310 57.78 24.33 17.32
C SER E 310 59.22 24.78 17.09
N PRO E 311 59.86 25.27 18.15
CA PRO E 311 61.08 26.05 17.89
C PRO E 311 62.32 25.18 17.66
N LYS E 312 62.18 24.15 16.83
CA LYS E 312 63.34 23.45 16.30
C LYS E 312 63.68 23.80 14.84
N LEU E 313 62.86 24.65 14.22
CA LEU E 313 62.95 24.85 12.78
C LEU E 313 63.84 26.04 12.34
N MET E 314 63.95 26.24 11.03
CA MET E 314 64.91 27.21 10.47
C MET E 314 64.27 28.31 9.61
N LEU E 315 64.43 29.56 10.03
CA LEU E 315 63.94 30.71 9.29
C LEU E 315 65.09 31.40 8.56
N SER E 316 65.02 31.46 7.23
CA SER E 316 66.13 31.96 6.44
C SER E 316 65.71 32.89 5.30
N LEU E 317 66.69 33.57 4.70
CA LEU E 317 66.46 34.38 3.51
C LEU E 317 67.61 34.22 2.50
N LYS E 318 67.28 33.87 1.26
CA LYS E 318 68.31 33.53 0.26
C LYS E 318 68.27 34.35 -1.05
N LEU E 319 67.17 34.25 -1.80
CA LEU E 319 67.06 34.93 -3.10
C LEU E 319 67.56 34.12 -4.33
N GLU E 320 68.10 32.93 -4.08
CA GLU E 320 68.70 32.11 -5.15
C GLU E 320 70.10 32.65 -5.46
N ASN E 321 70.36 33.84 -4.94
CA ASN E 321 71.69 34.42 -4.88
C ASN E 321 72.42 33.83 -3.68
N LYS E 322 73.48 34.50 -3.22
CA LYS E 322 74.36 33.95 -2.20
C LYS E 322 73.52 33.33 -1.09
N GLU E 323 73.95 32.16 -0.62
CA GLU E 323 73.09 31.27 0.17
C GLU E 323 72.82 31.78 1.59
N ALA E 324 71.53 31.98 1.88
CA ALA E 324 71.10 32.27 3.25
C ALA E 324 72.00 33.28 3.96
N LYS E 325 71.92 34.55 3.58
CA LYS E 325 72.72 35.58 4.21
C LYS E 325 72.62 35.46 5.73
N VAL E 326 71.39 35.42 6.22
CA VAL E 326 71.14 35.20 7.64
C VAL E 326 70.13 34.06 7.82
N SER E 327 70.60 32.96 8.42
CA SER E 327 69.75 31.79 8.66
C SER E 327 70.00 31.21 10.05
N LYS E 328 68.94 31.10 10.85
CA LYS E 328 69.03 30.52 12.18
C LYS E 328 67.70 29.90 12.61
N ARG E 329 67.61 29.44 13.86
CA ARG E 329 66.35 28.98 14.41
C ARG E 329 65.78 30.07 15.30
N GLU E 330 64.76 30.76 14.80
CA GLU E 330 64.17 31.90 15.48
C GLU E 330 63.09 32.53 14.60
N LYS E 331 62.38 33.49 15.17
CA LYS E 331 61.28 34.16 14.46
C LYS E 331 61.62 35.49 13.77
N ALA E 332 62.89 35.91 13.77
CA ALA E 332 63.29 37.23 13.24
C ALA E 332 64.38 37.24 12.16
N VAL E 333 64.05 37.80 10.99
CA VAL E 333 64.97 37.89 9.86
C VAL E 333 65.51 39.32 9.65
N TRP E 334 66.80 39.51 9.89
CA TRP E 334 67.43 40.83 9.76
C TRP E 334 68.52 40.87 8.69
N VAL E 335 68.36 41.77 7.72
CA VAL E 335 69.40 42.07 6.75
C VAL E 335 69.39 43.57 6.48
N LEU E 336 70.56 44.20 6.54
CA LEU E 336 70.66 45.66 6.47
C LEU E 336 70.58 46.20 5.05
N ASN E 337 71.62 45.95 4.26
CA ASN E 337 71.62 46.38 2.86
C ASN E 337 70.71 45.51 2.01
N PRO E 338 69.64 46.11 1.49
CA PRO E 338 68.63 45.40 0.69
C PRO E 338 69.08 45.21 -0.76
N GLU E 339 69.89 44.19 -1.02
CA GLU E 339 70.33 43.87 -2.38
C GLU E 339 69.10 43.77 -3.30
N ALA E 340 69.16 44.44 -4.44
CA ALA E 340 68.00 44.58 -5.32
C ALA E 340 67.49 43.24 -5.87
N GLY E 341 66.22 43.22 -6.23
CA GLY E 341 65.58 42.00 -6.70
C GLY E 341 64.63 41.40 -5.69
N MET E 342 63.84 40.42 -6.12
CA MET E 342 62.89 39.75 -5.24
C MET E 342 63.54 38.53 -4.62
N TRP E 343 63.76 38.57 -3.30
CA TRP E 343 64.36 37.45 -2.61
C TRP E 343 63.32 36.36 -2.37
N GLN E 344 63.77 35.27 -1.78
CA GLN E 344 62.87 34.24 -1.30
C GLN E 344 62.94 34.23 0.23
N CYS E 345 61.79 34.41 0.89
CA CYS E 345 61.77 34.39 2.34
C CYS E 345 61.49 32.98 2.83
N LEU E 346 62.50 32.36 3.42
CA LEU E 346 62.39 30.98 3.87
C LEU E 346 61.79 30.89 5.26
N LEU E 347 60.90 29.91 5.40
CA LEU E 347 60.19 29.65 6.63
C LEU E 347 60.58 28.27 7.12
N SER E 348 60.39 27.28 6.26
CA SER E 348 60.38 25.88 6.67
C SER E 348 61.71 25.30 7.18
N ASP E 349 61.63 24.03 7.52
CA ASP E 349 62.65 23.30 8.24
C ASP E 349 63.21 22.24 7.31
N SER E 350 63.98 21.33 7.86
CA SER E 350 64.44 20.18 7.11
C SER E 350 63.21 19.47 6.54
N GLY E 351 62.03 19.87 7.01
CA GLY E 351 60.77 19.54 6.37
C GLY E 351 60.65 20.21 5.00
N GLN E 352 59.58 19.91 4.28
CA GLN E 352 59.46 20.35 2.88
C GLN E 352 59.54 21.86 2.64
N VAL E 353 58.41 22.54 2.84
CA VAL E 353 58.32 24.01 2.82
C VAL E 353 57.08 24.40 3.61
N LEU E 354 57.09 25.55 4.28
CA LEU E 354 55.85 26.06 4.85
C LEU E 354 55.72 27.58 4.77
N LEU E 355 54.59 28.04 4.24
CA LEU E 355 54.29 29.47 4.20
C LEU E 355 55.39 30.33 3.58
N GLU E 356 55.53 30.25 2.25
CA GLU E 356 56.53 31.05 1.55
C GLU E 356 55.95 32.31 0.90
N SER E 357 56.62 33.44 1.11
CA SER E 357 56.22 34.71 0.52
C SER E 357 57.43 35.58 0.19
N ASN E 358 57.25 36.53 -0.72
CA ASN E 358 58.34 37.39 -1.18
C ASN E 358 57.92 38.79 -1.60
N ILE E 359 58.89 39.70 -1.67
CA ILE E 359 58.65 41.07 -2.11
C ILE E 359 59.89 41.58 -2.86
N LYS E 360 59.82 42.79 -3.42
CA LYS E 360 60.92 43.30 -4.26
C LYS E 360 61.79 44.36 -3.58
N VAL E 361 62.86 44.77 -4.27
CA VAL E 361 63.72 45.85 -3.81
C VAL E 361 64.15 46.75 -4.98
N LEU E 362 63.80 48.04 -4.90
CA LEU E 362 64.25 49.03 -5.90
C LEU E 362 65.40 49.90 -5.34
N PRO E 363 66.49 50.03 -6.10
CA PRO E 363 67.78 50.49 -5.55
C PRO E 363 67.90 51.92 -4.95
N ALA E 364 67.49 52.97 -5.66
CA ALA E 364 67.64 54.34 -5.16
C ALA E 364 67.27 55.42 -6.20
N ALA E 365 67.17 56.68 -5.77
CA ALA E 365 66.87 57.79 -6.67
C ALA E 365 67.35 59.17 -6.18
#